data_7A5X
#
_entry.id   7A5X
#
_cell.length_a   49.203
_cell.length_b   96.741
_cell.length_c   226.381
_cell.angle_alpha   90.000
_cell.angle_beta   90.000
_cell.angle_gamma   90.000
#
_symmetry.space_group_name_H-M   'P 21 21 21'
#
loop_
_entity.id
_entity.type
_entity.pdbx_description
1 polymer 'Sialidase A'
2 non-polymer '(4~{S},5~{R},6~{R})-5-acetamido-6-[(1~{R},2~{S})-3-[[1-(2-ethoxyethyl)-1,2,3-triazol-4-yl]methylsulfanyl]-1,2-bis(oxidanyl)propyl]-4-oxidanyl-oxane-2-carboxylic acid'
3 non-polymer 'SULFATE ION'
4 non-polymer 'CHLORIDE ION'
5 non-polymer 'CALCIUM ION'
6 water water
#
_entity_poly.entity_id   1
_entity_poly.type   'polypeptide(L)'
_entity_poly.pdbx_seq_one_letter_code
;MGHHHHHHHHHHSSGHIDDDDKHMPEGAALTEKTDIFESGRNGKPNKDGIKSYRIPALLKTDKGTLIAGADERRLHSSDW
GDIGMVIRRSEDNGKTWGDRVTITNLRDNPKASDPSIGSPVNIDMVLVQDPETKRIFSIYDMFPEGKGIFGMSSQKEEAY
KKIDGKTYQILYREGEKGAYTIRENGTVYTPDGKATDYRVVVDPVKPAYSDKGDLYKGNQLLGNIYFTTNKTSPFRIAKD
SYLWMSYSDDDGKTWSAPQDITPMVKADWMKFLGVGPGTGIVLRNGPHKGRILIPVYTTNNVSHLNGSQSSRIIYSDDHG
KTWHAGEAVNDNRQVDGQKIHSSTMNNRRAQNTESTVVQLNNGDVKLFMRGLTGDLQVATSKDGGVTWEKDIKRYPQVKD
VYVQMSAIHTMHEGKEYIILSNAGGPKRENGMVHLARVEENGELTWLKHNPIQKGEFAYNSLQELGNGEYGILYEHTEKG
QNAYTLSFRKFNWDFLSK
;
_entity_poly.pdbx_strand_id   A,B
#
# COMPACT_ATOMS: atom_id res chain seq x y z
N GLY A 27 -9.29 23.11 48.48
CA GLY A 27 -10.36 22.22 48.88
C GLY A 27 -10.91 21.46 47.69
N ALA A 28 -10.73 20.14 47.67
CA ALA A 28 -11.07 19.36 46.48
C ALA A 28 -12.58 19.42 46.29
N ALA A 29 -13.03 20.09 45.23
CA ALA A 29 -14.45 20.31 44.92
C ALA A 29 -14.70 19.37 43.75
N LEU A 30 -15.03 18.13 44.10
CA LEU A 30 -15.35 17.06 43.16
C LEU A 30 -16.82 16.73 43.29
N THR A 31 -17.53 16.77 42.18
CA THR A 31 -18.93 16.40 42.28
C THR A 31 -19.04 14.88 42.45
N GLU A 32 -20.26 14.43 42.67
CA GLU A 32 -20.50 13.01 42.80
C GLU A 32 -20.80 12.40 41.43
N LYS A 33 -20.50 11.12 41.31
CA LYS A 33 -20.74 10.34 40.10
C LYS A 33 -22.13 10.63 39.56
N THR A 34 -22.17 11.36 38.45
CA THR A 34 -23.41 11.68 37.74
C THR A 34 -23.48 10.83 36.48
N ASP A 35 -24.51 9.99 36.37
CA ASP A 35 -24.62 9.00 35.32
C ASP A 35 -25.29 9.57 34.07
N ILE A 36 -24.60 9.42 32.93
CA ILE A 36 -25.05 9.98 31.66
C ILE A 36 -25.64 8.91 30.75
N PHE A 37 -24.96 7.79 30.60
CA PHE A 37 -25.46 6.65 29.84
C PHE A 37 -25.48 5.42 30.74
N GLU A 38 -26.66 4.87 30.93
CA GLU A 38 -26.91 3.90 31.98
C GLU A 38 -26.96 2.53 31.34
N SER A 39 -25.98 1.69 31.68
CA SER A 39 -26.01 0.34 31.18
C SER A 39 -27.12 -0.44 31.88
N GLY A 40 -27.45 -1.59 31.32
CA GLY A 40 -28.36 -2.47 32.00
C GLY A 40 -27.70 -3.00 33.27
N ARG A 41 -28.36 -4.02 33.82
CA ARG A 41 -28.01 -4.57 35.12
C ARG A 41 -27.96 -6.09 35.02
N ASN A 42 -26.90 -6.68 35.57
CA ASN A 42 -26.77 -8.13 35.69
C ASN A 42 -27.00 -8.84 34.36
N GLY A 43 -26.40 -8.28 33.30
CA GLY A 43 -26.46 -8.91 31.99
C GLY A 43 -27.76 -8.71 31.26
N LYS A 44 -28.64 -7.83 31.75
CA LYS A 44 -29.99 -7.56 31.26
C LYS A 44 -30.08 -6.18 30.66
N PRO A 45 -30.98 -5.96 29.70
CA PRO A 45 -31.14 -4.62 29.14
C PRO A 45 -31.55 -3.61 30.20
N ASN A 46 -31.31 -2.35 29.90
CA ASN A 46 -31.76 -1.26 30.74
C ASN A 46 -33.18 -0.90 30.29
N LYS A 47 -33.69 0.24 30.76
CA LYS A 47 -35.08 0.61 30.50
C LYS A 47 -35.37 0.71 29.01
N ASP A 48 -34.42 1.21 28.22
CA ASP A 48 -34.61 1.44 26.80
C ASP A 48 -34.22 0.24 25.95
N GLY A 49 -33.89 -0.89 26.58
CA GLY A 49 -33.47 -2.05 25.83
C GLY A 49 -32.01 -2.07 25.47
N ILE A 50 -31.20 -1.21 26.08
CA ILE A 50 -29.80 -1.04 25.76
C ILE A 50 -28.99 -1.73 26.86
N LYS A 51 -28.35 -2.84 26.52
CA LYS A 51 -27.58 -3.54 27.55
CA LYS A 51 -27.59 -3.53 27.55
C LYS A 51 -26.36 -2.74 27.97
N SER A 52 -25.65 -2.13 27.01
CA SER A 52 -24.35 -1.58 27.31
C SER A 52 -24.11 -0.25 26.65
N TYR A 53 -23.27 0.55 27.32
CA TYR A 53 -22.72 1.78 26.75
C TYR A 53 -21.21 1.71 26.86
N ARG A 54 -20.51 2.28 25.87
CA ARG A 54 -19.05 2.39 25.95
C ARG A 54 -18.50 3.58 25.17
N ILE A 55 -17.23 3.88 25.43
CA ILE A 55 -16.38 4.74 24.60
C ILE A 55 -16.80 6.19 24.76
N PRO A 56 -16.47 6.80 25.90
CA PRO A 56 -16.90 8.18 26.14
C PRO A 56 -16.14 9.21 25.31
N ALA A 57 -16.87 10.23 24.86
CA ALA A 57 -16.28 11.43 24.29
C ALA A 57 -17.03 12.66 24.83
N LEU A 58 -16.28 13.67 25.28
CA LEU A 58 -16.83 14.83 25.95
C LEU A 58 -16.31 16.11 25.31
N LEU A 59 -17.21 17.00 24.91
CA LEU A 59 -16.82 18.20 24.19
C LEU A 59 -17.61 19.43 24.65
N LYS A 60 -16.86 20.48 25.02
CA LYS A 60 -17.40 21.81 25.30
C LYS A 60 -17.35 22.67 24.05
N THR A 61 -18.51 23.13 23.60
CA THR A 61 -18.61 23.90 22.39
C THR A 61 -18.37 25.39 22.66
N ASP A 62 -18.42 26.20 21.59
CA ASP A 62 -18.30 27.64 21.75
C ASP A 62 -19.46 28.21 22.56
N LYS A 63 -20.68 27.72 22.31
CA LYS A 63 -21.86 28.21 23.02
C LYS A 63 -21.83 27.84 24.49
N GLY A 64 -20.87 27.01 24.92
CA GLY A 64 -20.70 26.58 26.29
C GLY A 64 -21.28 25.22 26.62
N THR A 65 -22.15 24.68 25.75
CA THR A 65 -22.83 23.41 26.02
C THR A 65 -21.84 22.25 26.03
N LEU A 66 -22.18 21.20 26.78
CA LEU A 66 -21.37 19.99 26.80
C LEU A 66 -22.04 18.90 25.99
N ILE A 67 -21.28 18.26 25.11
CA ILE A 67 -21.75 17.13 24.30
C ILE A 67 -21.05 15.88 24.80
N ALA A 68 -21.81 14.92 25.32
CA ALA A 68 -21.29 13.63 25.76
C ALA A 68 -21.71 12.60 24.72
N GLY A 69 -20.72 11.95 24.11
CA GLY A 69 -21.00 10.97 23.07
C GLY A 69 -20.61 9.59 23.49
N ALA A 70 -21.24 8.55 22.93
CA ALA A 70 -20.92 7.19 23.36
C ALA A 70 -21.32 6.19 22.31
N ASP A 71 -20.80 4.98 22.49
CA ASP A 71 -21.32 3.80 21.81
C ASP A 71 -22.59 3.33 22.51
N GLU A 72 -23.69 3.27 21.79
CA GLU A 72 -24.92 2.67 22.30
C GLU A 72 -24.95 1.22 21.81
N ARG A 73 -24.49 0.32 22.66
CA ARG A 73 -24.33 -1.10 22.32
C ARG A 73 -25.54 -1.86 22.85
N ARG A 74 -26.48 -2.14 21.95
CA ARG A 74 -27.81 -2.59 22.35
C ARG A 74 -27.83 -4.00 22.92
N LEU A 75 -26.96 -4.90 22.45
CA LEU A 75 -27.14 -6.33 22.68
C LEU A 75 -26.04 -6.97 23.54
N HIS A 76 -24.93 -6.30 23.76
CA HIS A 76 -23.82 -6.85 24.53
C HIS A 76 -22.72 -5.80 24.60
N SER A 77 -21.66 -6.10 25.36
CA SER A 77 -20.60 -5.14 25.58
C SER A 77 -19.49 -5.23 24.52
N SER A 78 -19.54 -6.24 23.66
CA SER A 78 -18.40 -6.50 22.78
C SER A 78 -18.27 -5.45 21.67
N ASP A 79 -17.11 -5.47 21.03
CA ASP A 79 -16.77 -4.46 20.03
C ASP A 79 -17.37 -4.72 18.65
N TRP A 80 -18.66 -5.00 18.58
CA TRP A 80 -19.35 -5.28 17.32
C TRP A 80 -20.82 -5.34 17.64
N GLY A 81 -21.62 -5.68 16.62
CA GLY A 81 -23.06 -5.79 16.82
C GLY A 81 -23.86 -4.59 16.37
N ASP A 82 -25.03 -4.41 16.98
CA ASP A 82 -25.91 -3.28 16.67
C ASP A 82 -25.49 -2.14 17.58
N ILE A 83 -24.77 -1.17 17.02
CA ILE A 83 -24.23 -0.06 17.78
C ILE A 83 -24.63 1.25 17.11
N GLY A 84 -25.13 2.18 17.92
CA GLY A 84 -25.44 3.53 17.47
C GLY A 84 -24.43 4.52 18.02
N MET A 85 -24.12 5.54 17.23
CA MET A 85 -23.32 6.68 17.68
C MET A 85 -24.29 7.71 18.26
N VAL A 86 -24.20 7.99 19.56
CA VAL A 86 -25.18 8.87 20.20
C VAL A 86 -24.53 9.89 21.13
N ILE A 87 -25.26 10.99 21.35
CA ILE A 87 -24.84 12.02 22.29
C ILE A 87 -26.00 12.49 23.16
N ARG A 88 -25.64 13.07 24.30
CA ARG A 88 -26.54 13.84 25.14
C ARG A 88 -25.85 15.17 25.43
N ARG A 89 -26.65 16.24 25.54
CA ARG A 89 -26.11 17.57 25.75
C ARG A 89 -26.56 18.15 27.09
N SER A 90 -25.70 18.96 27.69
CA SER A 90 -25.97 19.67 28.93
C SER A 90 -25.69 21.15 28.70
N GLU A 91 -26.74 21.96 28.71
CA GLU A 91 -26.66 23.40 28.46
C GLU A 91 -26.27 24.18 29.71
N ASP A 92 -26.04 23.49 30.84
CA ASP A 92 -25.75 24.12 32.11
C ASP A 92 -24.51 23.50 32.74
N ASN A 93 -23.49 23.24 31.92
CA ASN A 93 -22.17 22.82 32.42
C ASN A 93 -22.19 21.57 33.30
N GLY A 94 -23.10 20.63 33.02
CA GLY A 94 -23.02 19.31 33.61
C GLY A 94 -24.07 18.88 34.62
N LYS A 95 -25.16 19.63 34.79
CA LYS A 95 -26.23 19.16 35.65
C LYS A 95 -27.42 18.60 34.87
N THR A 96 -27.91 19.32 33.86
CA THR A 96 -29.06 18.86 33.09
C THR A 96 -28.55 18.26 31.79
N TRP A 97 -28.54 16.95 31.71
CA TRP A 97 -28.14 16.31 30.46
C TRP A 97 -29.44 16.02 29.71
N GLY A 98 -29.56 16.55 28.51
CA GLY A 98 -30.76 16.39 27.74
C GLY A 98 -30.90 14.98 27.22
N ASP A 99 -31.86 14.83 26.33
CA ASP A 99 -32.17 13.51 25.78
C ASP A 99 -31.14 13.11 24.73
N ARG A 100 -31.16 11.82 24.42
CA ARG A 100 -30.31 11.23 23.39
C ARG A 100 -30.58 11.83 22.01
N VAL A 101 -29.50 12.17 21.32
CA VAL A 101 -29.53 12.47 19.90
C VAL A 101 -28.72 11.37 19.23
N THR A 102 -29.33 10.67 18.29
CA THR A 102 -28.69 9.57 17.59
C THR A 102 -28.01 10.17 16.36
N ILE A 103 -26.69 10.00 16.26
CA ILE A 103 -25.98 10.49 15.08
C ILE A 103 -26.12 9.52 13.93
N THR A 104 -25.81 8.24 14.17
CA THR A 104 -25.86 7.22 13.15
C THR A 104 -26.23 5.90 13.81
N ASN A 105 -27.11 5.13 13.19
CA ASN A 105 -27.32 3.76 13.64
C ASN A 105 -27.84 2.95 12.46
N LEU A 106 -26.93 2.22 11.80
CA LEU A 106 -27.28 1.47 10.61
C LEU A 106 -28.23 0.34 10.98
N ARG A 107 -29.09 -0.02 10.06
CA ARG A 107 -30.08 -1.04 10.37
C ARG A 107 -29.44 -2.41 10.38
N ASP A 108 -29.96 -3.30 11.22
CA ASP A 108 -29.45 -4.65 11.33
C ASP A 108 -29.91 -5.48 10.14
N ASN A 109 -29.15 -6.55 9.87
CA ASN A 109 -29.51 -7.54 8.84
C ASN A 109 -30.66 -8.35 9.44
N PRO A 110 -31.89 -8.24 8.90
CA PRO A 110 -33.04 -8.92 9.52
C PRO A 110 -32.98 -10.45 9.34
N LYS A 111 -32.14 -10.95 8.44
CA LYS A 111 -31.99 -12.36 8.17
C LYS A 111 -30.74 -12.98 8.79
N ALA A 112 -29.99 -12.25 9.60
CA ALA A 112 -28.80 -12.84 10.20
C ALA A 112 -29.22 -13.95 11.15
N SER A 113 -28.54 -15.09 11.06
CA SER A 113 -28.79 -16.21 11.98
C SER A 113 -28.43 -15.85 13.42
N ASP A 114 -27.38 -15.04 13.60
CA ASP A 114 -26.95 -14.62 14.93
C ASP A 114 -27.04 -13.11 15.06
N PRO A 115 -28.09 -12.58 15.67
CA PRO A 115 -28.23 -11.12 15.75
C PRO A 115 -27.06 -10.45 16.46
N SER A 116 -26.31 -11.17 17.28
CA SER A 116 -25.25 -10.50 18.05
C SER A 116 -24.10 -10.05 17.15
N ILE A 117 -23.93 -10.68 15.98
CA ILE A 117 -22.98 -10.25 14.97
C ILE A 117 -23.71 -9.96 13.66
N GLY A 118 -24.96 -9.54 13.76
CA GLY A 118 -25.84 -9.50 12.62
C GLY A 118 -26.14 -8.11 12.08
N SER A 119 -25.30 -7.15 12.42
CA SER A 119 -25.49 -5.78 11.99
C SER A 119 -24.21 -5.11 11.47
N PRO A 120 -24.33 -4.29 10.43
CA PRO A 120 -23.25 -3.34 10.14
C PRO A 120 -22.89 -2.58 11.40
N VAL A 121 -21.60 -2.34 11.57
CA VAL A 121 -21.05 -1.85 12.82
C VAL A 121 -20.56 -0.41 12.63
N ASN A 122 -20.98 0.49 13.54
CA ASN A 122 -20.25 1.72 13.83
C ASN A 122 -19.73 1.64 15.25
N ILE A 123 -18.50 2.13 15.46
CA ILE A 123 -17.83 1.96 16.75
C ILE A 123 -16.70 2.97 16.93
N ASP A 124 -16.59 3.48 18.16
CA ASP A 124 -15.50 4.35 18.59
C ASP A 124 -15.57 5.74 17.96
N MET A 125 -15.76 6.78 18.79
CA MET A 125 -15.92 8.15 18.30
C MET A 125 -14.82 9.09 18.77
N VAL A 126 -14.50 10.07 17.93
CA VAL A 126 -13.71 11.24 18.31
C VAL A 126 -14.52 12.48 17.98
N LEU A 127 -14.66 13.39 18.95
CA LEU A 127 -15.34 14.66 18.77
C LEU A 127 -14.35 15.81 18.69
N VAL A 128 -14.69 16.82 17.86
CA VAL A 128 -13.92 18.06 17.85
C VAL A 128 -14.76 19.15 17.21
N GLN A 129 -14.48 20.40 17.58
CA GLN A 129 -15.12 21.54 16.95
C GLN A 129 -14.12 22.49 16.31
N ASP A 130 -14.46 22.96 15.11
CA ASP A 130 -13.68 24.00 14.44
C ASP A 130 -13.98 25.35 15.06
N PRO A 131 -12.97 26.09 15.56
CA PRO A 131 -13.24 27.38 16.24
C PRO A 131 -13.73 28.52 15.32
N GLU A 132 -13.45 28.47 14.02
CA GLU A 132 -13.90 29.54 13.13
C GLU A 132 -15.33 29.32 12.65
N THR A 133 -15.61 28.16 12.07
CA THR A 133 -16.92 27.86 11.50
C THR A 133 -17.91 27.33 12.52
N LYS A 134 -17.46 26.98 13.71
CA LYS A 134 -18.26 26.38 14.80
C LYS A 134 -18.77 24.97 14.48
N ARG A 135 -18.47 24.42 13.31
CA ARG A 135 -18.91 23.08 12.98
C ARG A 135 -18.30 22.02 13.91
N ILE A 136 -19.12 21.07 14.30
CA ILE A 136 -18.75 19.98 15.20
C ILE A 136 -18.70 18.67 14.41
N PHE A 137 -17.68 17.87 14.71
CA PHE A 137 -17.41 16.67 13.93
C PHE A 137 -17.40 15.43 14.82
N SER A 138 -18.04 14.38 14.32
CA SER A 138 -17.94 13.05 14.92
C SER A 138 -17.31 12.13 13.88
N ILE A 139 -16.13 11.61 14.19
CA ILE A 139 -15.41 10.68 13.34
C ILE A 139 -15.35 9.36 14.07
N TYR A 140 -15.79 8.28 13.40
CA TYR A 140 -15.98 6.99 14.04
C TYR A 140 -15.78 5.87 13.01
N ASP A 141 -15.55 4.65 13.52
CA ASP A 141 -15.25 3.51 12.66
C ASP A 141 -16.54 2.94 12.05
N MET A 142 -16.40 2.27 10.90
CA MET A 142 -17.50 1.52 10.32
C MET A 142 -16.95 0.24 9.74
N PHE A 143 -17.67 -0.86 9.94
CA PHE A 143 -17.44 -2.14 9.31
C PHE A 143 -18.78 -2.61 8.75
N PRO A 144 -18.76 -3.39 7.67
CA PRO A 144 -19.97 -4.12 7.29
C PRO A 144 -20.27 -5.15 8.36
N GLU A 145 -21.41 -5.83 8.17
CA GLU A 145 -21.93 -6.83 9.11
C GLU A 145 -20.87 -7.81 9.51
N GLY A 146 -20.74 -8.02 10.83
CA GLY A 146 -19.82 -9.02 11.33
C GLY A 146 -19.29 -8.63 12.71
N LYS A 147 -18.05 -9.06 12.97
CA LYS A 147 -17.39 -8.83 14.26
C LYS A 147 -16.33 -7.72 14.21
N GLY A 148 -16.47 -6.78 13.29
CA GLY A 148 -15.62 -5.60 13.30
C GLY A 148 -14.15 -5.93 13.30
N ILE A 149 -13.41 -5.24 14.13
CA ILE A 149 -11.96 -5.38 14.09
C ILE A 149 -11.52 -6.82 14.38
N PHE A 150 -12.36 -7.59 15.05
CA PHE A 150 -12.02 -8.98 15.38
C PHE A 150 -12.47 -9.96 14.31
N GLY A 151 -13.08 -9.48 13.24
CA GLY A 151 -13.53 -10.38 12.20
C GLY A 151 -12.91 -10.07 10.85
N MET A 152 -11.74 -9.39 10.80
CA MET A 152 -11.19 -8.97 9.52
C MET A 152 -10.55 -10.15 8.77
N SER A 153 -10.77 -10.17 7.45
CA SER A 153 -10.31 -11.29 6.64
C SER A 153 -8.80 -11.23 6.45
N SER A 154 -8.21 -12.41 6.18
CA SER A 154 -6.78 -12.46 5.92
C SER A 154 -6.42 -11.90 4.53
N GLN A 155 -7.37 -11.80 3.60
CA GLN A 155 -7.10 -11.32 2.26
C GLN A 155 -7.73 -9.96 1.96
N LYS A 156 -6.98 -9.13 1.25
CA LYS A 156 -7.52 -7.81 0.93
C LYS A 156 -8.62 -7.92 -0.13
N GLU A 157 -9.68 -7.11 0.03
CA GLU A 157 -10.59 -6.82 -1.08
C GLU A 157 -10.49 -5.33 -1.38
N GLU A 158 -10.25 -4.98 -2.65
CA GLU A 158 -10.23 -3.58 -3.05
C GLU A 158 -11.59 -2.95 -2.74
N ALA A 159 -11.57 -1.78 -2.12
CA ALA A 159 -12.80 -1.15 -1.68
C ALA A 159 -13.26 0.01 -2.56
N TYR A 160 -12.34 0.64 -3.31
CA TYR A 160 -12.58 1.84 -4.10
C TYR A 160 -11.87 1.68 -5.43
N LYS A 161 -12.38 2.38 -6.45
CA LYS A 161 -11.82 2.38 -7.81
C LYS A 161 -11.91 3.81 -8.35
N LYS A 162 -10.78 4.29 -8.90
CA LYS A 162 -10.74 5.60 -9.54
C LYS A 162 -10.99 5.44 -11.03
N ILE A 163 -11.99 6.16 -11.53
CA ILE A 163 -12.42 6.05 -12.90
C ILE A 163 -12.51 7.46 -13.47
N ASP A 164 -11.63 7.77 -14.41
CA ASP A 164 -11.55 9.09 -15.03
C ASP A 164 -11.64 10.21 -13.99
N GLY A 165 -10.71 10.16 -13.04
CA GLY A 165 -10.54 11.19 -12.04
C GLY A 165 -11.48 11.13 -10.84
N LYS A 166 -12.43 10.21 -10.82
CA LYS A 166 -13.46 10.12 -9.80
C LYS A 166 -13.29 8.79 -9.04
N THR A 167 -13.42 8.85 -7.73
CA THR A 167 -13.28 7.67 -6.89
C THR A 167 -14.66 7.15 -6.52
N TYR A 168 -14.90 5.89 -6.80
CA TYR A 168 -16.17 5.28 -6.47
C TYR A 168 -15.95 4.06 -5.58
N GLN A 169 -16.93 3.84 -4.71
CA GLN A 169 -16.95 2.62 -3.91
C GLN A 169 -17.37 1.45 -4.77
N ILE A 170 -16.71 0.31 -4.52
CA ILE A 170 -16.88 -0.93 -5.22
C ILE A 170 -17.98 -1.76 -4.57
N LEU A 171 -18.69 -2.47 -5.42
CA LEU A 171 -19.63 -3.51 -5.02
C LEU A 171 -19.20 -4.82 -5.65
N TYR A 172 -19.29 -5.90 -4.89
CA TYR A 172 -19.02 -7.24 -5.37
C TYR A 172 -20.34 -7.97 -5.48
N ARG A 173 -20.47 -8.76 -6.53
CA ARG A 173 -21.67 -9.54 -6.78
C ARG A 173 -21.29 -11.00 -6.72
N GLU A 174 -22.10 -11.81 -6.07
CA GLU A 174 -21.73 -13.20 -5.90
C GLU A 174 -21.56 -13.90 -7.24
N GLY A 175 -20.50 -14.69 -7.32
CA GLY A 175 -20.07 -15.43 -8.50
C GLY A 175 -19.45 -14.63 -9.62
N GLU A 176 -19.24 -13.32 -9.44
CA GLU A 176 -18.58 -12.48 -10.41
C GLU A 176 -17.34 -11.88 -9.77
N LYS A 177 -16.27 -11.84 -10.54
CA LYS A 177 -14.98 -11.34 -10.08
C LYS A 177 -14.85 -9.83 -10.18
N GLY A 178 -15.52 -9.20 -11.17
CA GLY A 178 -15.31 -7.79 -11.44
C GLY A 178 -15.84 -6.87 -10.37
N ALA A 179 -15.36 -5.62 -10.40
CA ALA A 179 -15.77 -4.59 -9.46
C ALA A 179 -16.85 -3.73 -10.10
N TYR A 180 -18.07 -3.85 -9.60
CA TYR A 180 -19.08 -2.85 -9.83
C TYR A 180 -18.73 -1.61 -9.04
N THR A 181 -19.33 -0.47 -9.43
CA THR A 181 -19.10 0.81 -8.76
C THR A 181 -20.41 1.53 -8.50
N ILE A 182 -20.40 2.29 -7.42
CA ILE A 182 -21.52 3.12 -7.01
C ILE A 182 -21.23 4.54 -7.48
N ARG A 183 -21.94 5.02 -8.50
CA ARG A 183 -21.61 6.32 -9.07
C ARG A 183 -22.66 7.36 -8.70
N GLU A 184 -22.91 8.28 -9.64
CA GLU A 184 -23.77 9.43 -9.38
C GLU A 184 -25.15 9.04 -8.89
N ASN A 185 -25.63 9.75 -7.88
CA ASN A 185 -26.94 9.51 -7.30
C ASN A 185 -27.10 8.09 -6.75
N GLY A 186 -26.01 7.34 -6.53
CA GLY A 186 -26.10 5.97 -6.07
C GLY A 186 -26.30 4.94 -7.17
N THR A 187 -26.32 5.34 -8.43
CA THR A 187 -26.51 4.38 -9.50
C THR A 187 -25.38 3.38 -9.58
N VAL A 188 -25.72 2.10 -9.67
CA VAL A 188 -24.72 1.05 -9.74
C VAL A 188 -24.33 0.84 -11.19
N TYR A 189 -23.03 0.80 -11.44
CA TYR A 189 -22.48 0.52 -12.76
C TYR A 189 -21.74 -0.82 -12.75
N THR A 190 -21.78 -1.48 -13.89
CA THR A 190 -21.13 -2.76 -14.10
C THR A 190 -19.61 -2.60 -14.10
N PRO A 191 -18.88 -3.71 -14.00
CA PRO A 191 -17.41 -3.65 -14.18
C PRO A 191 -16.99 -3.00 -15.50
N ASP A 192 -17.76 -3.21 -16.57
CA ASP A 192 -17.40 -2.65 -17.86
C ASP A 192 -17.81 -1.20 -18.00
N GLY A 193 -18.53 -0.64 -17.06
CA GLY A 193 -18.85 0.75 -17.09
C GLY A 193 -20.24 1.10 -17.61
N LYS A 194 -21.18 0.14 -17.65
CA LYS A 194 -22.56 0.39 -18.12
C LYS A 194 -23.51 0.54 -16.93
N ALA A 195 -24.29 1.63 -16.94
CA ALA A 195 -25.32 1.81 -15.90
C ALA A 195 -26.26 0.60 -15.82
N THR A 196 -26.77 0.33 -14.62
CA THR A 196 -27.78 -0.70 -14.35
C THR A 196 -29.02 -0.06 -13.69
N ASP A 197 -30.03 -0.90 -13.45
CA ASP A 197 -31.25 -0.55 -12.74
C ASP A 197 -31.09 -0.57 -11.23
N TYR A 198 -29.92 -0.96 -10.70
CA TYR A 198 -29.69 -0.99 -9.27
C TYR A 198 -29.16 0.35 -8.77
N ARG A 199 -29.55 0.72 -7.55
CA ARG A 199 -29.04 1.94 -6.95
C ARG A 199 -28.94 1.77 -5.44
N VAL A 200 -28.01 2.52 -4.85
CA VAL A 200 -27.76 2.53 -3.42
C VAL A 200 -28.26 3.85 -2.84
N VAL A 201 -28.90 3.80 -1.68
CA VAL A 201 -29.21 5.00 -0.92
C VAL A 201 -27.90 5.58 -0.39
N VAL A 202 -27.39 6.59 -1.10
CA VAL A 202 -26.23 7.36 -0.69
C VAL A 202 -26.61 8.67 0.00
N ASP A 203 -27.88 9.06 -0.03
CA ASP A 203 -28.40 10.25 0.63
C ASP A 203 -29.47 9.82 1.63
N PRO A 204 -29.09 9.15 2.71
CA PRO A 204 -30.12 8.60 3.62
C PRO A 204 -31.01 9.71 4.21
N VAL A 205 -32.27 9.33 4.48
CA VAL A 205 -33.30 10.25 4.97
C VAL A 205 -33.99 9.78 6.25
N LYS A 206 -33.90 8.51 6.63
CA LYS A 206 -34.62 8.04 7.80
C LYS A 206 -33.91 8.49 9.06
N PRO A 207 -34.59 8.43 10.19
CA PRO A 207 -33.92 8.77 11.46
C PRO A 207 -32.71 7.89 11.74
N ALA A 208 -31.62 8.53 12.17
CA ALA A 208 -30.32 7.92 12.39
C ALA A 208 -29.71 7.41 11.10
N TYR A 209 -30.31 7.75 9.95
CA TYR A 209 -29.79 7.35 8.64
C TYR A 209 -29.70 5.84 8.56
N SER A 210 -30.68 5.19 9.19
CA SER A 210 -30.81 3.74 9.14
C SER A 210 -30.96 3.21 7.72
N ASP A 211 -31.17 4.06 6.72
CA ASP A 211 -31.37 3.59 5.37
C ASP A 211 -30.10 3.65 4.55
N LYS A 212 -29.01 4.14 5.12
CA LYS A 212 -27.76 4.24 4.35
C LYS A 212 -27.35 2.86 3.86
N GLY A 213 -27.07 2.78 2.58
CA GLY A 213 -26.66 1.56 1.96
C GLY A 213 -27.74 0.69 1.42
N ASP A 214 -29.03 1.03 1.63
CA ASP A 214 -30.11 0.20 1.09
C ASP A 214 -29.92 0.05 -0.41
N LEU A 215 -30.20 -1.14 -0.91
CA LEU A 215 -30.02 -1.50 -2.30
C LEU A 215 -31.38 -1.67 -2.96
N TYR A 216 -31.68 -0.84 -3.96
CA TYR A 216 -32.93 -0.85 -4.69
C TYR A 216 -32.69 -1.42 -6.09
N LYS A 217 -33.71 -2.08 -6.65
CA LYS A 217 -33.80 -2.27 -8.10
C LYS A 217 -35.05 -1.52 -8.56
N GLY A 218 -34.86 -0.47 -9.37
CA GLY A 218 -35.94 0.47 -9.61
C GLY A 218 -36.37 1.10 -8.30
N ASN A 219 -37.67 1.02 -7.99
CA ASN A 219 -38.17 1.54 -6.72
C ASN A 219 -38.34 0.45 -5.66
N GLN A 220 -37.87 -0.75 -5.93
CA GLN A 220 -38.00 -1.87 -5.01
C GLN A 220 -36.75 -2.10 -4.18
N LEU A 221 -36.91 -2.06 -2.86
CA LEU A 221 -35.88 -2.37 -1.88
C LEU A 221 -35.56 -3.87 -1.86
N LEU A 222 -34.30 -4.22 -2.12
CA LEU A 222 -33.87 -5.61 -2.15
C LEU A 222 -33.06 -6.04 -0.94
N GLY A 223 -32.25 -5.14 -0.37
CA GLY A 223 -31.33 -5.50 0.68
C GLY A 223 -30.48 -4.32 1.11
N ASN A 224 -29.24 -4.59 1.48
CA ASN A 224 -28.33 -3.52 1.90
C ASN A 224 -26.90 -3.95 1.60
N ILE A 225 -26.12 -3.02 1.05
CA ILE A 225 -24.76 -3.33 0.63
C ILE A 225 -23.83 -3.60 1.82
N TYR A 226 -24.27 -3.30 3.03
CA TYR A 226 -23.50 -3.58 4.23
C TYR A 226 -23.82 -4.94 4.83
N PHE A 227 -24.80 -5.63 4.31
CA PHE A 227 -25.09 -6.99 4.77
C PHE A 227 -24.11 -7.96 4.15
N THR A 228 -23.67 -8.93 4.95
CA THR A 228 -22.70 -9.91 4.49
C THR A 228 -23.18 -11.36 4.54
N THR A 229 -24.30 -11.65 5.19
CA THR A 229 -24.86 -12.99 5.23
C THR A 229 -26.35 -12.99 4.85
N ASN A 230 -26.82 -14.14 4.40
CA ASN A 230 -28.23 -14.35 4.04
C ASN A 230 -28.80 -13.13 3.29
N LYS A 231 -28.08 -12.74 2.27
CA LYS A 231 -28.38 -11.49 1.61
C LYS A 231 -29.63 -11.64 0.77
N THR A 232 -30.39 -10.57 0.67
CA THR A 232 -31.52 -10.55 -0.25
C THR A 232 -31.28 -9.72 -1.51
N SER A 233 -30.20 -8.98 -1.57
CA SER A 233 -29.74 -8.30 -2.76
C SER A 233 -28.43 -8.88 -3.28
N PRO A 234 -28.06 -8.54 -4.49
CA PRO A 234 -26.86 -9.15 -5.08
C PRO A 234 -25.54 -8.48 -4.72
N PHE A 235 -25.51 -7.37 -3.98
CA PHE A 235 -24.29 -6.56 -3.89
C PHE A 235 -23.87 -6.32 -2.46
N ARG A 236 -22.55 -6.23 -2.26
CA ARG A 236 -21.94 -5.84 -0.99
C ARG A 236 -20.64 -5.06 -1.24
N ILE A 237 -20.30 -4.21 -0.28
CA ILE A 237 -19.03 -3.51 -0.30
C ILE A 237 -17.91 -4.49 0.06
N ALA A 238 -16.68 -4.07 -0.12
CA ALA A 238 -15.54 -4.85 0.33
C ALA A 238 -15.60 -5.05 1.84
N LYS A 239 -15.24 -6.24 2.28
CA LYS A 239 -15.07 -6.52 3.71
C LYS A 239 -13.74 -5.92 4.17
N ASP A 240 -13.82 -4.81 4.87
CA ASP A 240 -12.68 -4.00 5.22
C ASP A 240 -13.10 -3.06 6.35
N SER A 241 -12.15 -2.24 6.76
CA SER A 241 -12.33 -1.28 7.83
C SER A 241 -12.48 0.09 7.19
N TYR A 242 -13.44 0.84 7.66
CA TYR A 242 -13.75 2.14 7.10
C TYR A 242 -13.82 3.22 8.18
N LEU A 243 -13.72 4.47 7.74
CA LEU A 243 -13.77 5.63 8.61
C LEU A 243 -14.85 6.55 8.08
N TRP A 244 -15.81 6.90 8.94
CA TRP A 244 -16.94 7.74 8.58
C TRP A 244 -16.93 9.02 9.41
N MET A 245 -17.62 10.03 8.92
CA MET A 245 -17.70 11.30 9.65
C MET A 245 -19.07 11.92 9.47
N SER A 246 -19.54 12.51 10.57
CA SER A 246 -20.77 13.28 10.63
C SER A 246 -20.52 14.59 11.35
N TYR A 247 -21.28 15.62 10.95
CA TYR A 247 -21.07 16.93 11.53
C TYR A 247 -22.41 17.61 11.81
N SER A 248 -22.39 18.43 12.86
CA SER A 248 -23.55 19.19 13.29
C SER A 248 -23.19 20.67 13.26
N ASP A 249 -24.13 21.49 12.75
CA ASP A 249 -23.96 22.93 12.66
C ASP A 249 -24.87 23.70 13.63
N ASP A 250 -25.59 23.00 14.51
CA ASP A 250 -26.47 23.63 15.48
C ASP A 250 -26.13 23.13 16.87
N ASP A 251 -24.86 23.18 17.21
CA ASP A 251 -24.39 22.84 18.55
C ASP A 251 -24.73 21.39 18.88
N GLY A 252 -24.79 20.55 17.87
CA GLY A 252 -24.93 19.14 18.09
C GLY A 252 -26.35 18.66 18.26
N LYS A 253 -27.35 19.47 17.89
CA LYS A 253 -28.74 19.04 17.97
C LYS A 253 -29.12 18.14 16.82
N THR A 254 -28.60 18.44 15.63
CA THR A 254 -28.88 17.71 14.42
C THR A 254 -27.54 17.44 13.73
N TRP A 255 -27.50 16.37 12.92
CA TRP A 255 -26.25 15.86 12.36
C TRP A 255 -26.44 15.50 10.90
N SER A 256 -25.40 15.74 10.11
CA SER A 256 -25.40 15.36 8.70
C SER A 256 -25.48 13.85 8.50
N ALA A 257 -25.77 13.45 7.26
CA ALA A 257 -25.57 12.05 6.90
C ALA A 257 -24.08 11.71 6.96
N PRO A 258 -23.74 10.46 7.26
CA PRO A 258 -22.31 10.11 7.37
C PRO A 258 -21.59 10.30 6.04
N GLN A 259 -20.38 10.84 6.10
CA GLN A 259 -19.50 10.86 4.94
C GLN A 259 -18.36 9.86 5.11
N ASP A 260 -18.09 9.13 4.04
CA ASP A 260 -17.06 8.10 4.00
C ASP A 260 -15.74 8.78 3.72
N ILE A 261 -14.95 9.05 4.76
CA ILE A 261 -13.67 9.68 4.48
C ILE A 261 -12.54 8.68 4.29
N THR A 262 -12.80 7.39 4.43
CA THR A 262 -11.76 6.36 4.27
C THR A 262 -10.84 6.62 3.07
N PRO A 263 -11.35 6.81 1.84
CA PRO A 263 -10.44 6.94 0.68
C PRO A 263 -9.49 8.13 0.75
N MET A 264 -9.77 9.10 1.60
CA MET A 264 -8.86 10.23 1.72
C MET A 264 -7.64 9.90 2.55
N VAL A 265 -7.74 8.91 3.45
CA VAL A 265 -6.68 8.71 4.44
C VAL A 265 -6.15 7.28 4.49
N LYS A 266 -6.83 6.28 3.93
CA LYS A 266 -6.42 4.90 4.14
C LYS A 266 -5.51 4.44 3.01
N ALA A 267 -4.28 4.06 3.36
CA ALA A 267 -3.34 3.58 2.36
C ALA A 267 -3.67 2.15 1.93
N ASP A 268 -3.12 1.73 0.78
CA ASP A 268 -3.43 0.42 0.21
CA ASP A 268 -3.43 0.42 0.21
C ASP A 268 -2.92 -0.74 1.06
N TRP A 269 -1.92 -0.52 1.89
CA TRP A 269 -1.40 -1.56 2.75
C TRP A 269 -2.15 -1.67 4.07
N MET A 270 -2.86 -0.62 4.47
CA MET A 270 -3.47 -0.65 5.80
C MET A 270 -4.53 -1.72 5.86
N LYS A 271 -4.54 -2.48 6.95
CA LYS A 271 -5.59 -3.45 7.21
C LYS A 271 -6.68 -2.72 8.01
N PHE A 272 -6.55 -2.67 9.35
CA PHE A 272 -7.42 -1.83 10.17
C PHE A 272 -6.97 -0.38 10.14
N LEU A 273 -7.93 0.53 10.12
CA LEU A 273 -7.65 1.95 10.36
C LEU A 273 -8.83 2.50 11.18
N GLY A 274 -8.55 2.95 12.41
CA GLY A 274 -9.60 3.46 13.26
C GLY A 274 -9.14 4.58 14.18
N VAL A 275 -10.13 5.17 14.87
CA VAL A 275 -9.84 6.29 15.74
C VAL A 275 -9.31 5.83 17.07
N GLY A 276 -8.52 6.71 17.69
CA GLY A 276 -8.28 6.64 19.12
C GLY A 276 -9.41 7.43 19.76
N PRO A 277 -10.39 6.74 20.36
CA PRO A 277 -11.64 7.42 20.75
C PRO A 277 -11.40 8.52 21.78
N GLY A 278 -12.29 9.49 21.77
CA GLY A 278 -12.12 10.62 22.65
C GLY A 278 -12.37 11.93 21.97
N THR A 279 -11.52 12.91 22.24
CA THR A 279 -11.73 14.28 21.79
C THR A 279 -10.48 14.77 21.09
N GLY A 280 -10.63 15.21 19.85
CA GLY A 280 -9.53 15.78 19.12
C GLY A 280 -9.23 17.19 19.59
N ILE A 281 -8.37 17.85 18.80
CA ILE A 281 -7.96 19.21 19.11
C ILE A 281 -7.84 19.98 17.83
N VAL A 282 -7.91 21.30 17.94
CA VAL A 282 -7.56 22.21 16.85
C VAL A 282 -6.31 22.97 17.25
N LEU A 283 -5.32 23.02 16.37
CA LEU A 283 -4.07 23.64 16.73
C LEU A 283 -4.27 25.15 16.84
N ARG A 284 -3.84 25.71 17.98
CA ARG A 284 -4.13 27.09 18.32
C ARG A 284 -2.98 28.04 18.05
N ASN A 285 -1.79 27.54 17.76
CA ASN A 285 -0.63 28.39 17.53
C ASN A 285 0.26 27.71 16.50
N GLY A 286 1.28 28.46 16.06
CA GLY A 286 2.28 27.95 15.15
C GLY A 286 1.89 28.09 13.69
N PRO A 287 2.77 27.66 12.79
CA PRO A 287 2.48 27.79 11.35
C PRO A 287 1.30 26.94 10.87
N HIS A 288 0.78 26.00 11.67
CA HIS A 288 -0.33 25.14 11.27
C HIS A 288 -1.59 25.42 12.10
N LYS A 289 -1.68 26.61 12.69
CA LYS A 289 -2.87 27.03 13.41
C LYS A 289 -4.13 26.76 12.60
N GLY A 290 -5.17 26.25 13.27
CA GLY A 290 -6.41 25.88 12.61
C GLY A 290 -6.49 24.44 12.10
N ARG A 291 -5.39 23.69 12.10
CA ARG A 291 -5.46 22.28 11.75
C ARG A 291 -6.19 21.45 12.81
N ILE A 292 -7.14 20.63 12.34
CA ILE A 292 -7.86 19.68 13.19
C ILE A 292 -7.06 18.36 13.27
N LEU A 293 -6.79 17.87 14.47
CA LEU A 293 -6.11 16.61 14.66
C LEU A 293 -7.03 15.57 15.27
N ILE A 294 -7.02 14.39 14.67
CA ILE A 294 -7.85 13.24 15.07
C ILE A 294 -6.91 12.05 15.33
N PRO A 295 -6.84 11.57 16.57
CA PRO A 295 -6.02 10.35 16.81
C PRO A 295 -6.60 9.14 16.09
N VAL A 296 -5.71 8.36 15.48
CA VAL A 296 -6.07 7.10 14.80
C VAL A 296 -4.91 6.11 14.97
N TYR A 297 -5.21 4.85 14.64
CA TYR A 297 -4.19 3.82 14.53
C TYR A 297 -4.56 2.76 13.49
N THR A 298 -3.51 2.08 13.01
CA THR A 298 -3.58 1.10 11.94
C THR A 298 -3.05 -0.26 12.38
N THR A 299 -3.39 -1.30 11.62
CA THR A 299 -2.64 -2.55 11.59
C THR A 299 -2.22 -2.79 10.14
N ASN A 300 -1.22 -3.65 9.95
CA ASN A 300 -0.78 -4.11 8.65
C ASN A 300 -1.16 -5.59 8.48
N ASN A 301 -0.99 -6.12 7.26
CA ASN A 301 -1.32 -7.51 6.95
C ASN A 301 -0.21 -8.48 7.35
N VAL A 302 0.92 -8.01 7.83
CA VAL A 302 2.02 -8.89 8.25
C VAL A 302 1.72 -9.48 9.62
N SER A 303 1.32 -8.64 10.57
CA SER A 303 1.09 -9.09 11.93
C SER A 303 -0.20 -8.58 12.56
N HIS A 304 -0.94 -7.70 11.90
CA HIS A 304 -2.27 -7.25 12.30
C HIS A 304 -2.30 -6.93 13.79
N LEU A 305 -3.25 -7.45 14.55
CA LEU A 305 -3.36 -7.07 15.95
C LEU A 305 -2.28 -7.66 16.85
N ASN A 306 -1.45 -8.61 16.38
CA ASN A 306 -0.41 -9.16 17.25
C ASN A 306 0.90 -8.38 17.26
N GLY A 307 1.23 -7.59 16.23
CA GLY A 307 2.44 -6.81 16.30
C GLY A 307 2.57 -5.55 15.46
N SER A 308 1.49 -4.95 15.04
CA SER A 308 1.60 -3.80 14.13
C SER A 308 0.73 -2.60 14.49
N GLN A 309 -0.16 -2.70 15.46
CA GLN A 309 -0.95 -1.55 15.89
C GLN A 309 -0.03 -0.35 16.10
N SER A 310 -0.39 0.76 15.45
CA SER A 310 0.51 1.91 15.31
C SER A 310 -0.30 3.20 15.28
N SER A 311 0.03 4.13 16.19
CA SER A 311 -0.66 5.40 16.33
C SER A 311 -0.19 6.37 15.27
N ARG A 312 -1.09 7.26 14.88
CA ARG A 312 -0.80 8.45 14.09
C ARG A 312 -1.97 9.41 14.25
N ILE A 313 -1.91 10.54 13.54
CA ILE A 313 -3.11 11.34 13.40
C ILE A 313 -3.53 11.44 11.92
N ILE A 314 -4.79 11.80 11.73
CA ILE A 314 -5.27 12.39 10.48
C ILE A 314 -5.66 13.85 10.78
N TYR A 315 -5.68 14.67 9.73
CA TYR A 315 -5.87 16.10 9.94
C TYR A 315 -6.54 16.77 8.75
N SER A 316 -7.21 17.90 9.04
CA SER A 316 -7.82 18.78 8.05
C SER A 316 -7.34 20.21 8.25
N ASP A 317 -6.88 20.83 7.18
CA ASP A 317 -6.45 22.22 7.18
C ASP A 317 -7.51 23.15 6.59
N ASP A 318 -8.61 22.60 6.08
CA ASP A 318 -9.65 23.36 5.44
C ASP A 318 -10.98 23.20 6.18
N HIS A 319 -10.92 23.18 7.50
CA HIS A 319 -12.15 23.19 8.32
C HIS A 319 -12.99 21.94 8.10
N GLY A 320 -12.32 20.78 7.94
CA GLY A 320 -12.99 19.50 7.92
C GLY A 320 -13.54 19.08 6.58
N LYS A 321 -13.27 19.86 5.52
CA LYS A 321 -13.74 19.46 4.21
C LYS A 321 -12.93 18.28 3.66
N THR A 322 -11.61 18.31 3.78
CA THR A 322 -10.78 17.20 3.35
C THR A 322 -9.82 16.80 4.48
N TRP A 323 -9.37 15.52 4.41
CA TRP A 323 -8.55 14.93 5.47
C TRP A 323 -7.31 14.28 4.91
N HIS A 324 -6.24 14.28 5.70
CA HIS A 324 -4.99 13.71 5.26
C HIS A 324 -4.40 12.91 6.40
N ALA A 325 -3.61 11.90 6.05
CA ALA A 325 -2.98 11.07 7.05
C ALA A 325 -1.62 11.65 7.38
N GLY A 326 -1.33 11.79 8.67
CA GLY A 326 0.05 11.95 9.09
C GLY A 326 0.77 10.62 8.92
N GLU A 327 2.08 10.66 9.18
CA GLU A 327 2.90 9.47 9.29
C GLU A 327 2.75 8.84 10.67
N ALA A 328 3.06 7.56 10.77
CA ALA A 328 2.98 6.87 12.05
C ALA A 328 4.19 7.23 12.93
N VAL A 329 3.96 7.24 14.24
CA VAL A 329 5.08 7.31 15.17
C VAL A 329 6.10 6.21 14.87
N ASN A 330 5.62 5.03 14.46
CA ASN A 330 6.46 3.88 14.20
C ASN A 330 7.10 3.90 12.82
N ASP A 331 6.80 4.91 11.99
CA ASP A 331 7.41 4.99 10.67
C ASP A 331 8.87 5.44 10.82
N ASN A 332 9.78 4.59 10.39
CA ASN A 332 11.20 4.79 10.47
C ASN A 332 11.68 4.95 11.91
N ARG A 333 10.96 4.38 12.85
CA ARG A 333 11.41 4.34 14.23
C ARG A 333 12.48 3.29 14.49
N GLN A 334 13.46 3.63 15.32
CA GLN A 334 14.49 2.68 15.71
C GLN A 334 13.99 1.88 16.92
N VAL A 335 14.01 0.56 16.80
CA VAL A 335 13.64 -0.34 17.89
C VAL A 335 14.69 -1.43 17.96
N ASP A 336 15.37 -1.54 19.10
CA ASP A 336 16.41 -2.57 19.27
C ASP A 336 17.42 -2.54 18.12
N GLY A 337 17.82 -1.32 17.73
CA GLY A 337 18.86 -1.11 16.74
C GLY A 337 18.44 -1.16 15.28
N GLN A 338 17.19 -1.52 14.96
CA GLN A 338 16.72 -1.74 13.61
C GLN A 338 15.51 -0.85 13.38
N LYS A 339 15.43 -0.25 12.20
CA LYS A 339 14.29 0.61 11.87
C LYS A 339 13.08 -0.25 11.53
N ILE A 340 11.90 0.17 11.97
CA ILE A 340 10.66 -0.49 11.60
C ILE A 340 9.79 0.51 10.81
N HIS A 341 8.68 0.01 10.31
CA HIS A 341 7.69 0.82 9.61
C HIS A 341 6.34 0.27 9.99
N SER A 342 5.33 1.14 10.12
CA SER A 342 4.02 0.65 10.54
C SER A 342 3.46 -0.34 9.53
N SER A 343 3.86 -0.27 8.27
CA SER A 343 3.27 -1.19 7.28
C SER A 343 3.91 -2.58 7.28
N THR A 344 5.05 -2.74 7.93
CA THR A 344 5.83 -3.97 7.89
C THR A 344 6.21 -4.48 9.26
N MET A 345 5.91 -3.75 10.33
CA MET A 345 6.45 -4.18 11.64
C MET A 345 5.75 -5.45 12.14
N ASN A 346 6.48 -6.20 12.99
CA ASN A 346 5.94 -7.34 13.69
C ASN A 346 6.65 -7.36 15.06
N ASN A 347 6.17 -6.51 15.96
CA ASN A 347 6.84 -6.24 17.23
C ASN A 347 5.77 -5.86 18.25
N ARG A 348 5.40 -6.83 19.09
CA ARG A 348 4.26 -6.64 19.98
C ARG A 348 4.53 -5.46 20.92
N ARG A 349 5.79 -5.36 21.38
CA ARG A 349 6.13 -4.33 22.37
C ARG A 349 6.27 -2.92 21.74
N ALA A 350 6.63 -2.87 20.41
CA ALA A 350 6.76 -1.57 19.77
C ALA A 350 5.41 -1.01 19.31
N GLN A 351 4.30 -1.69 19.60
CA GLN A 351 2.98 -1.13 19.25
C GLN A 351 2.64 0.12 20.07
N ASN A 352 1.76 0.95 19.50
CA ASN A 352 1.09 2.04 20.18
C ASN A 352 -0.26 2.15 19.48
N THR A 353 -1.32 2.32 20.24
CA THR A 353 -2.66 2.06 19.66
C THR A 353 -3.51 3.30 19.83
N GLU A 354 -4.64 3.24 20.52
CA GLU A 354 -5.44 4.43 20.79
C GLU A 354 -4.61 5.51 21.50
N SER A 355 -4.80 6.78 21.11
CA SER A 355 -3.97 7.84 21.68
C SER A 355 -4.78 9.12 21.91
N THR A 356 -4.18 10.05 22.65
CA THR A 356 -4.78 11.35 22.88
C THR A 356 -3.72 12.40 22.58
N VAL A 357 -4.13 13.52 22.03
CA VAL A 357 -3.20 14.45 21.40
C VAL A 357 -3.38 15.84 21.99
N VAL A 358 -2.27 16.50 22.28
CA VAL A 358 -2.25 17.82 22.90
C VAL A 358 -1.22 18.68 22.18
N GLN A 359 -1.57 19.93 21.91
CA GLN A 359 -0.58 20.88 21.42
C GLN A 359 -0.08 21.76 22.57
N LEU A 360 1.24 21.99 22.59
CA LEU A 360 1.89 22.86 23.56
C LEU A 360 1.96 24.29 23.03
N ASN A 361 2.40 25.20 23.90
CA ASN A 361 2.57 26.60 23.52
C ASN A 361 3.80 26.83 22.65
N ASN A 362 4.82 26.00 22.74
CA ASN A 362 5.97 26.09 21.84
C ASN A 362 5.68 25.52 20.45
N GLY A 363 4.41 25.21 20.16
CA GLY A 363 3.99 24.71 18.87
C GLY A 363 3.98 23.20 18.72
N ASP A 364 4.64 22.49 19.63
CA ASP A 364 4.81 21.04 19.57
C ASP A 364 3.50 20.32 19.77
N VAL A 365 3.39 19.12 19.19
CA VAL A 365 2.24 18.25 19.38
C VAL A 365 2.72 17.04 20.16
N LYS A 366 2.00 16.70 21.21
CA LYS A 366 2.30 15.55 22.05
C LYS A 366 1.21 14.53 21.84
N LEU A 367 1.59 13.26 21.73
CA LEU A 367 0.65 12.16 21.52
C LEU A 367 0.89 11.11 22.60
N PHE A 368 -0.09 10.93 23.49
CA PHE A 368 0.01 9.98 24.59
C PHE A 368 -0.65 8.68 24.14
N MET A 369 0.11 7.59 24.12
CA MET A 369 -0.31 6.42 23.33
C MET A 369 -0.46 5.18 24.20
N ARG A 370 -1.64 4.57 24.17
CA ARG A 370 -1.87 3.29 24.80
C ARG A 370 -0.89 2.28 24.27
N GLY A 371 -0.29 1.52 25.16
CA GLY A 371 0.69 0.55 24.73
C GLY A 371 0.93 -0.50 25.78
N LEU A 372 2.05 -1.22 25.62
CA LEU A 372 2.30 -2.43 26.40
C LEU A 372 3.64 -2.39 27.14
N THR A 373 4.09 -1.21 27.55
CA THR A 373 5.30 -1.15 28.39
C THR A 373 5.00 -1.13 29.90
N GLY A 374 3.73 -0.90 30.28
CA GLY A 374 3.33 -0.72 31.65
C GLY A 374 3.33 0.70 32.14
N ASP A 375 4.06 1.60 31.45
CA ASP A 375 4.10 3.00 31.80
C ASP A 375 3.71 3.80 30.57
N LEU A 376 3.63 5.13 30.75
CA LEU A 376 3.03 6.03 29.77
C LEU A 376 4.02 6.35 28.67
N GLN A 377 3.57 6.24 27.42
CA GLN A 377 4.39 6.49 26.25
C GLN A 377 3.94 7.75 25.54
N VAL A 378 4.88 8.59 25.15
CA VAL A 378 4.54 9.88 24.57
C VAL A 378 5.44 10.17 23.39
N ALA A 379 4.84 10.58 22.28
CA ALA A 379 5.56 10.94 21.07
C ALA A 379 5.43 12.43 20.81
N THR A 380 6.43 13.01 20.14
CA THR A 380 6.46 14.45 19.88
C THR A 380 6.62 14.73 18.40
N SER A 381 5.78 15.64 17.91
CA SER A 381 5.86 16.15 16.55
C SER A 381 6.12 17.65 16.50
N LYS A 382 7.09 18.04 15.68
CA LYS A 382 7.50 19.43 15.50
C LYS A 382 6.91 20.06 14.26
N ASP A 383 6.12 19.32 13.47
CA ASP A 383 5.59 19.85 12.21
C ASP A 383 4.07 19.70 12.16
N GLY A 384 3.43 19.82 13.32
CA GLY A 384 1.98 19.81 13.38
C GLY A 384 1.32 18.45 13.27
N GLY A 385 2.01 17.40 13.65
CA GLY A 385 1.43 16.07 13.71
C GLY A 385 1.70 15.21 12.48
N VAL A 386 2.42 15.72 11.49
CA VAL A 386 2.65 14.97 10.27
C VAL A 386 3.73 13.92 10.47
N THR A 387 4.86 14.30 11.08
CA THR A 387 5.94 13.38 11.42
C THR A 387 6.25 13.49 12.91
N TRP A 388 6.95 12.48 13.47
CA TRP A 388 7.22 12.34 14.89
C TRP A 388 8.72 12.19 15.10
N GLU A 389 9.20 12.74 16.21
CA GLU A 389 10.64 12.68 16.49
C GLU A 389 11.10 11.27 16.88
N LYS A 390 12.42 11.10 16.86
CA LYS A 390 13.04 9.78 17.01
C LYS A 390 12.47 8.98 18.17
N ASP A 391 12.37 9.61 19.33
CA ASP A 391 12.28 8.87 20.58
C ASP A 391 10.89 9.01 21.19
N ILE A 392 10.40 7.85 21.64
CA ILE A 392 9.18 7.78 22.43
C ILE A 392 9.61 7.92 23.87
N LYS A 393 9.08 8.90 24.57
CA LYS A 393 9.44 9.09 25.96
C LYS A 393 8.54 8.19 26.78
N ARG A 394 9.13 7.45 27.73
CA ARG A 394 8.40 6.65 28.70
C ARG A 394 8.43 7.34 30.08
N TYR A 395 7.28 7.41 30.74
CA TYR A 395 7.19 7.96 32.09
C TYR A 395 6.71 6.90 33.09
N PRO A 396 7.59 6.30 33.91
CA PRO A 396 7.10 5.34 34.92
C PRO A 396 6.28 6.00 36.02
N GLN A 397 6.24 7.33 36.08
CA GLN A 397 5.44 8.03 37.07
C GLN A 397 3.95 7.87 36.81
N VAL A 398 3.58 7.49 35.59
CA VAL A 398 2.19 7.29 35.19
C VAL A 398 2.08 5.86 34.69
N LYS A 399 1.17 5.11 35.28
CA LYS A 399 0.92 3.74 34.87
C LYS A 399 0.10 3.71 33.58
N ASP A 400 0.34 2.69 32.74
CA ASP A 400 -0.52 2.37 31.61
C ASP A 400 -0.81 0.88 31.64
N VAL A 401 -2.05 0.51 31.95
CA VAL A 401 -2.39 -0.91 32.02
C VAL A 401 -2.95 -1.40 30.70
N TYR A 402 -2.74 -0.62 29.62
CA TYR A 402 -3.16 -0.98 28.27
C TYR A 402 -4.65 -0.73 28.14
N VAL A 403 -4.99 0.56 28.16
CA VAL A 403 -6.38 1.00 28.07
C VAL A 403 -6.30 2.43 27.60
N GLN A 404 -7.38 2.90 26.99
CA GLN A 404 -7.48 4.25 26.49
C GLN A 404 -7.24 5.27 27.60
N MET A 405 -6.77 6.45 27.21
CA MET A 405 -6.55 7.59 28.10
C MET A 405 -6.99 8.87 27.40
N SER A 406 -7.06 9.97 28.17
CA SER A 406 -7.29 11.29 27.58
C SER A 406 -6.37 12.29 28.26
N ALA A 407 -6.09 13.37 27.54
CA ALA A 407 -5.23 14.43 28.07
C ALA A 407 -5.56 15.76 27.40
N ILE A 408 -5.57 16.84 28.19
CA ILE A 408 -5.81 18.17 27.66
C ILE A 408 -4.81 19.19 28.16
N HIS A 409 -4.61 20.23 27.34
CA HIS A 409 -3.85 21.42 27.70
C HIS A 409 -4.69 22.37 28.53
N THR A 410 -4.03 23.02 29.49
CA THR A 410 -4.68 24.06 30.26
C THR A 410 -3.62 24.97 30.87
N MET A 411 -3.96 26.27 30.97
CA MET A 411 -3.09 27.28 31.55
C MET A 411 -3.67 27.64 32.91
N HIS A 412 -2.81 27.73 33.92
CA HIS A 412 -3.23 28.26 35.21
C HIS A 412 -2.15 29.12 35.83
N GLU A 413 -2.56 30.31 36.27
CA GLU A 413 -1.65 31.32 36.82
C GLU A 413 -0.45 31.52 35.89
N GLY A 414 -0.74 31.71 34.60
CA GLY A 414 0.31 31.98 33.65
C GLY A 414 1.28 30.84 33.42
N LYS A 415 0.99 29.65 33.96
CA LYS A 415 1.83 28.47 33.82
C LYS A 415 1.08 27.41 33.00
N GLU A 416 1.84 26.66 32.20
CA GLU A 416 1.29 25.74 31.20
C GLU A 416 1.31 24.33 31.78
N TYR A 417 0.18 23.64 31.67
CA TYR A 417 0.05 22.32 32.27
C TYR A 417 -0.62 21.35 31.29
N ILE A 418 -0.53 20.05 31.63
CA ILE A 418 -1.35 19.01 31.04
C ILE A 418 -1.93 18.13 32.13
N ILE A 419 -3.22 17.83 31.97
CA ILE A 419 -3.93 16.89 32.82
C ILE A 419 -4.19 15.65 31.98
N LEU A 420 -3.86 14.48 32.51
CA LEU A 420 -4.08 13.21 31.83
C LEU A 420 -4.78 12.28 32.80
N SER A 421 -5.83 11.62 32.32
CA SER A 421 -6.61 10.69 33.14
C SER A 421 -6.61 9.30 32.54
N ASN A 422 -6.35 8.30 33.38
CA ASN A 422 -6.46 6.91 33.01
C ASN A 422 -6.51 6.05 34.27
N ALA A 423 -6.66 4.75 34.06
CA ALA A 423 -6.67 3.82 35.18
C ALA A 423 -5.34 3.82 35.89
N GLY A 424 -5.39 3.65 37.21
CA GLY A 424 -4.19 3.59 38.02
C GLY A 424 -3.62 2.19 38.11
N GLY A 425 -4.48 1.18 38.00
CA GLY A 425 -4.05 -0.19 38.05
C GLY A 425 -4.38 -0.86 39.37
N PRO A 426 -3.95 -2.12 39.53
CA PRO A 426 -3.26 -2.93 38.50
C PRO A 426 -4.11 -3.32 37.26
N LYS A 427 -5.43 -3.31 37.37
CA LYS A 427 -6.31 -3.60 36.25
C LYS A 427 -6.96 -2.29 35.79
N ARG A 428 -8.08 -2.41 35.08
CA ARG A 428 -8.85 -1.24 34.68
C ARG A 428 -9.66 -0.85 35.90
N GLU A 429 -8.97 -0.19 36.82
CA GLU A 429 -9.51 0.14 38.13
C GLU A 429 -8.74 1.36 38.67
N ASN A 430 -9.41 2.11 39.55
CA ASN A 430 -8.82 3.24 40.26
C ASN A 430 -8.40 4.34 39.30
N GLY A 431 -9.39 4.99 38.70
CA GLY A 431 -9.13 6.11 37.84
C GLY A 431 -8.36 7.17 38.60
N MET A 432 -7.21 7.54 38.06
CA MET A 432 -6.38 8.59 38.62
C MET A 432 -6.32 9.73 37.64
N VAL A 433 -6.00 10.90 38.16
CA VAL A 433 -5.75 12.09 37.35
C VAL A 433 -4.33 12.54 37.62
N HIS A 434 -3.54 12.64 36.56
CA HIS A 434 -2.12 12.91 36.64
C HIS A 434 -1.86 14.32 36.14
N LEU A 435 -1.10 15.09 36.90
CA LEU A 435 -0.85 16.49 36.57
C LEU A 435 0.62 16.69 36.22
N ALA A 436 0.86 17.37 35.09
CA ALA A 436 2.21 17.67 34.68
C ALA A 436 2.37 19.14 34.33
N ARG A 437 3.55 19.66 34.65
CA ARG A 437 3.98 20.98 34.20
C ARG A 437 4.73 20.84 32.87
N VAL A 438 4.42 21.74 31.95
CA VAL A 438 5.08 21.80 30.65
C VAL A 438 6.30 22.73 30.77
N GLU A 439 7.49 22.16 30.62
CA GLU A 439 8.70 22.95 30.61
C GLU A 439 8.79 23.70 29.28
N GLU A 440 9.75 24.62 29.22
CA GLU A 440 9.86 25.46 28.04
C GLU A 440 10.19 24.63 26.81
N ASN A 441 11.08 23.64 26.98
CA ASN A 441 11.56 22.80 25.90
C ASN A 441 10.60 21.66 25.60
N GLY A 442 9.45 21.64 26.26
CA GLY A 442 8.44 20.63 26.05
C GLY A 442 8.52 19.39 26.89
N GLU A 443 9.55 19.24 27.75
CA GLU A 443 9.59 18.09 28.65
C GLU A 443 8.42 18.13 29.62
N LEU A 444 8.09 16.97 30.15
CA LEU A 444 6.99 16.87 31.08
C LEU A 444 7.54 16.50 32.45
N THR A 445 7.02 17.18 33.46
CA THR A 445 7.37 16.97 34.86
C THR A 445 6.07 16.68 35.59
N TRP A 446 5.98 15.48 36.16
CA TRP A 446 4.74 15.02 36.77
C TRP A 446 4.68 15.43 38.23
N LEU A 447 3.70 16.30 38.54
CA LEU A 447 3.50 16.92 39.86
C LEU A 447 2.42 16.19 40.66
N LYS A 448 2.63 14.88 40.80
CA LYS A 448 1.78 13.99 41.57
C LYS A 448 0.34 13.86 41.06
N HIS A 449 -0.30 12.78 41.54
CA HIS A 449 -1.45 12.12 40.93
C HIS A 449 -2.51 11.85 41.97
N ASN A 450 -3.75 12.27 41.69
CA ASN A 450 -4.80 12.14 42.70
C ASN A 450 -5.91 11.24 42.20
N PRO A 451 -6.31 10.23 42.99
CA PRO A 451 -7.41 9.34 42.57
C PRO A 451 -8.74 10.05 42.39
N ILE A 452 -9.56 9.49 41.49
CA ILE A 452 -10.84 10.10 41.15
C ILE A 452 -12.00 9.12 41.08
N GLN A 453 -11.71 7.83 41.02
CA GLN A 453 -12.80 6.88 40.98
C GLN A 453 -12.28 5.49 41.31
N LYS A 454 -12.89 4.85 42.29
CA LYS A 454 -12.46 3.53 42.72
C LYS A 454 -13.27 2.46 42.03
N GLY A 455 -12.74 1.26 42.10
CA GLY A 455 -13.34 0.15 41.40
C GLY A 455 -12.87 0.13 39.94
N GLU A 456 -13.80 -0.23 39.07
CA GLU A 456 -13.54 -0.33 37.62
C GLU A 456 -13.51 1.02 36.96
N PHE A 457 -12.46 1.27 36.20
CA PHE A 457 -12.28 2.52 35.48
C PHE A 457 -11.63 2.16 34.16
N ALA A 458 -12.23 2.50 33.08
CA ALA A 458 -11.70 2.18 31.75
C ALA A 458 -11.49 3.41 30.90
N TYR A 459 -12.30 3.65 29.90
CA TYR A 459 -12.06 4.76 29.00
C TYR A 459 -12.51 6.03 29.67
N ASN A 460 -11.99 7.17 29.22
CA ASN A 460 -12.31 8.47 29.79
C ASN A 460 -11.96 9.61 28.90
N SER A 461 -12.61 10.73 29.07
CA SER A 461 -12.45 11.91 28.22
C SER A 461 -12.56 13.19 29.05
N LEU A 462 -11.50 13.97 29.05
CA LEU A 462 -11.42 15.19 29.84
C LEU A 462 -11.77 16.40 28.97
N GLN A 463 -12.31 17.42 29.61
CA GLN A 463 -12.49 18.71 28.97
C GLN A 463 -12.26 19.81 29.98
N GLU A 464 -11.57 20.87 29.57
CA GLU A 464 -11.50 22.07 30.38
C GLU A 464 -12.84 22.79 30.31
N LEU A 465 -13.38 23.15 31.47
CA LEU A 465 -14.67 23.84 31.52
C LEU A 465 -14.51 25.34 31.63
N GLY A 466 -13.34 25.83 31.99
CA GLY A 466 -13.17 27.27 32.15
C GLY A 466 -13.37 27.70 33.58
N ASN A 467 -12.73 28.81 33.94
CA ASN A 467 -12.81 29.31 35.31
C ASN A 467 -12.10 28.36 36.29
N GLY A 468 -10.97 27.82 35.86
CA GLY A 468 -10.17 26.97 36.73
C GLY A 468 -10.72 25.58 36.95
N GLU A 469 -11.68 25.15 36.12
CA GLU A 469 -12.38 23.89 36.29
C GLU A 469 -12.17 22.91 35.14
N TYR A 470 -12.42 21.62 35.43
CA TYR A 470 -12.25 20.53 34.50
C TYR A 470 -13.38 19.52 34.69
N GLY A 471 -13.74 18.85 33.59
CA GLY A 471 -14.80 17.86 33.62
C GLY A 471 -14.32 16.57 32.99
N ILE A 472 -14.99 15.47 33.37
CA ILE A 472 -14.59 14.18 32.83
C ILE A 472 -15.79 13.26 32.72
N LEU A 473 -15.93 12.65 31.54
CA LEU A 473 -16.90 11.59 31.28
C LEU A 473 -16.13 10.30 31.10
N TYR A 474 -16.50 9.27 31.87
CA TYR A 474 -15.66 8.09 31.95
C TYR A 474 -16.50 6.83 32.11
N GLU A 475 -15.84 5.69 31.90
CA GLU A 475 -16.46 4.37 32.00
C GLU A 475 -16.29 3.81 33.41
N HIS A 476 -17.39 3.31 33.99
CA HIS A 476 -17.34 2.74 35.33
C HIS A 476 -18.54 1.86 35.63
N THR A 477 -18.29 0.82 36.42
CA THR A 477 -19.35 -0.07 36.90
C THR A 477 -19.29 -0.28 38.41
N GLU A 478 -20.47 -0.60 38.95
CA GLU A 478 -20.68 -1.05 40.32
C GLU A 478 -22.06 -1.68 40.36
N LYS A 479 -22.34 -2.40 41.44
CA LYS A 479 -23.66 -2.97 41.66
C LYS A 479 -24.09 -3.84 40.49
N GLY A 480 -23.18 -4.61 39.93
CA GLY A 480 -23.55 -5.49 38.82
C GLY A 480 -24.04 -4.77 37.57
N GLN A 481 -23.70 -3.49 37.43
CA GLN A 481 -23.98 -2.80 36.18
C GLN A 481 -23.23 -3.46 35.03
N ASN A 482 -23.88 -3.52 33.87
CA ASN A 482 -23.20 -4.00 32.66
C ASN A 482 -22.12 -3.02 32.20
N ALA A 483 -21.00 -3.57 31.76
CA ALA A 483 -19.92 -2.75 31.21
C ALA A 483 -20.36 -1.99 29.97
N TYR A 484 -20.16 -0.66 29.94
CA TYR A 484 -20.06 0.18 31.12
C TYR A 484 -21.26 1.10 31.30
N THR A 485 -21.36 1.72 32.47
CA THR A 485 -22.14 2.94 32.66
C THR A 485 -21.18 4.13 32.58
N LEU A 486 -21.60 5.17 31.86
CA LEU A 486 -20.75 6.34 31.65
C LEU A 486 -21.23 7.51 32.50
N SER A 487 -20.33 8.01 33.34
CA SER A 487 -20.64 9.01 34.34
C SER A 487 -19.78 10.25 34.13
N PHE A 488 -20.20 11.35 34.79
CA PHE A 488 -19.51 12.64 34.71
C PHE A 488 -19.19 13.10 36.13
N ARG A 489 -17.97 13.57 36.32
CA ARG A 489 -17.52 14.21 37.54
C ARG A 489 -16.95 15.58 37.20
N LYS A 490 -16.73 16.40 38.23
CA LYS A 490 -16.18 17.72 38.04
C LYS A 490 -14.87 17.93 38.79
N PHE A 491 -14.13 18.91 38.30
CA PHE A 491 -12.79 19.17 38.76
C PHE A 491 -12.65 20.60 39.21
N ASN A 492 -11.72 20.83 40.13
CA ASN A 492 -11.32 22.18 40.48
C ASN A 492 -9.81 22.17 40.43
N TRP A 493 -9.23 23.35 40.22
CA TRP A 493 -7.78 23.39 40.08
C TRP A 493 -7.09 22.86 41.34
N ASP A 494 -7.68 23.11 42.51
CA ASP A 494 -7.08 22.66 43.76
C ASP A 494 -7.10 21.14 43.88
N PHE A 495 -8.17 20.47 43.40
CA PHE A 495 -8.19 19.00 43.47
C PHE A 495 -7.05 18.40 42.68
N LEU A 496 -6.65 19.06 41.59
CA LEU A 496 -5.58 18.52 40.74
C LEU A 496 -4.28 18.41 41.53
N SER A 497 -3.90 19.49 42.20
CA SER A 497 -2.67 19.60 42.95
C SER A 497 -2.93 19.18 44.40
N LYS A 498 -1.86 18.73 45.06
CA LYS A 498 -1.96 18.33 46.47
C LYS A 498 -2.98 17.18 46.63
N GLY B 27 12.82 -29.36 -46.41
CA GLY B 27 12.30 -28.00 -46.23
C GLY B 27 12.62 -27.20 -44.96
N ALA B 28 12.60 -27.88 -43.82
CA ALA B 28 12.74 -27.22 -42.50
C ALA B 28 14.14 -26.64 -42.32
N ALA B 29 14.24 -25.36 -41.95
CA ALA B 29 15.55 -24.75 -41.77
C ALA B 29 15.66 -24.10 -40.40
N LEU B 30 16.68 -24.53 -39.65
CA LEU B 30 17.16 -23.87 -38.43
C LEU B 30 18.61 -23.48 -38.66
N THR B 31 18.95 -22.21 -38.49
CA THR B 31 20.35 -21.86 -38.68
C THR B 31 21.17 -22.38 -37.49
N GLU B 32 22.48 -22.25 -37.63
CA GLU B 32 23.41 -22.71 -36.62
C GLU B 32 23.56 -21.65 -35.56
N LYS B 33 23.85 -22.11 -34.35
CA LYS B 33 24.05 -21.26 -33.19
C LYS B 33 25.04 -20.13 -33.46
N THR B 34 24.56 -18.89 -33.43
CA THR B 34 25.42 -17.72 -33.50
C THR B 34 25.46 -17.05 -32.12
N ASP B 35 26.64 -17.02 -31.51
CA ASP B 35 26.79 -16.54 -30.15
C ASP B 35 26.93 -15.02 -30.14
N ILE B 36 26.00 -14.36 -29.46
CA ILE B 36 25.88 -12.89 -29.46
C ILE B 36 26.53 -12.28 -28.23
N PHE B 37 26.27 -12.83 -27.04
CA PHE B 37 26.98 -12.43 -25.83
C PHE B 37 27.64 -13.70 -25.30
N GLU B 38 28.98 -13.68 -25.19
CA GLU B 38 29.81 -14.87 -24.95
C GLU B 38 30.35 -14.82 -23.52
N SER B 39 29.88 -15.74 -22.68
CA SER B 39 30.39 -15.83 -21.33
C SER B 39 31.81 -16.41 -21.35
N GLY B 40 32.47 -16.29 -20.21
CA GLY B 40 33.74 -16.96 -19.98
C GLY B 40 33.56 -18.47 -19.87
N ARG B 41 34.69 -19.15 -19.66
CA ARG B 41 34.73 -20.60 -19.54
CA ARG B 41 34.73 -20.59 -19.55
C ARG B 41 35.35 -21.01 -18.22
N ASN B 42 34.85 -22.10 -17.67
CA ASN B 42 35.42 -22.74 -16.49
C ASN B 42 35.63 -21.76 -15.35
N GLY B 43 34.65 -20.90 -15.13
CA GLY B 43 34.69 -19.95 -14.04
C GLY B 43 35.55 -18.76 -14.29
N LYS B 44 36.07 -18.61 -15.49
CA LYS B 44 36.98 -17.50 -15.74
C LYS B 44 36.31 -16.39 -16.58
N PRO B 45 36.79 -15.14 -16.48
CA PRO B 45 36.32 -14.09 -17.37
C PRO B 45 36.61 -14.42 -18.81
N ASN B 46 35.84 -13.78 -19.69
CA ASN B 46 36.04 -13.89 -21.12
C ASN B 46 37.09 -12.84 -21.50
N LYS B 47 37.36 -12.68 -22.79
CA LYS B 47 38.45 -11.81 -23.20
C LYS B 47 38.20 -10.37 -22.76
N ASP B 48 36.93 -9.96 -22.72
CA ASP B 48 36.62 -8.60 -22.31
C ASP B 48 36.55 -8.44 -20.81
N GLY B 49 36.89 -9.46 -20.04
CA GLY B 49 36.78 -9.31 -18.62
C GLY B 49 35.42 -9.59 -18.00
N ILE B 50 34.49 -10.14 -18.78
CA ILE B 50 33.13 -10.41 -18.36
C ILE B 50 33.00 -11.91 -18.13
N LYS B 51 32.52 -12.30 -16.94
CA LYS B 51 32.29 -13.71 -16.65
C LYS B 51 30.99 -14.25 -17.23
N SER B 52 29.93 -13.43 -17.25
CA SER B 52 28.60 -13.98 -17.44
C SER B 52 27.73 -13.01 -18.22
N TYR B 53 26.85 -13.58 -19.03
CA TYR B 53 25.75 -12.86 -19.64
C TYR B 53 24.45 -13.58 -19.31
N ARG B 54 23.37 -12.79 -19.11
CA ARG B 54 22.08 -13.42 -18.91
C ARG B 54 20.95 -12.52 -19.41
N ILE B 55 19.78 -13.14 -19.56
CA ILE B 55 18.49 -12.45 -19.67
C ILE B 55 18.33 -11.82 -21.04
N PRO B 56 18.12 -12.62 -22.08
CA PRO B 56 17.95 -12.09 -23.43
C PRO B 56 16.63 -11.37 -23.62
N ALA B 57 16.69 -10.31 -24.43
CA ALA B 57 15.54 -9.66 -25.06
C ALA B 57 15.88 -9.44 -26.53
N LEU B 58 14.95 -9.72 -27.40
CA LEU B 58 15.19 -9.63 -28.83
C LEU B 58 14.11 -8.75 -29.47
N LEU B 59 14.51 -7.76 -30.26
CA LEU B 59 13.53 -6.86 -30.87
C LEU B 59 13.87 -6.55 -32.32
N LYS B 60 12.91 -6.80 -33.21
CA LYS B 60 12.99 -6.35 -34.58
C LYS B 60 12.33 -4.97 -34.69
N THR B 61 13.11 -3.98 -35.12
CA THR B 61 12.64 -2.61 -35.21
C THR B 61 11.95 -2.35 -36.54
N ASP B 62 11.38 -1.15 -36.67
CA ASP B 62 10.76 -0.73 -37.93
C ASP B 62 11.77 -0.68 -39.08
N LYS B 63 13.03 -0.33 -38.81
CA LYS B 63 14.08 -0.26 -39.80
C LYS B 63 14.57 -1.61 -40.24
N GLY B 64 14.09 -2.70 -39.61
CA GLY B 64 14.55 -4.04 -39.93
C GLY B 64 15.62 -4.55 -39.01
N THR B 65 16.17 -3.70 -38.19
CA THR B 65 17.26 -4.05 -37.32
C THR B 65 16.82 -5.04 -36.25
N LEU B 66 17.76 -5.86 -35.83
CA LEU B 66 17.55 -6.75 -34.70
C LEU B 66 18.34 -6.14 -33.56
N ILE B 67 17.70 -5.98 -32.40
CA ILE B 67 18.33 -5.51 -31.18
C ILE B 67 18.34 -6.67 -30.20
N ALA B 68 19.52 -7.09 -29.79
CA ALA B 68 19.70 -8.13 -28.80
C ALA B 68 20.16 -7.48 -27.51
N GLY B 69 19.39 -7.64 -26.45
CA GLY B 69 19.68 -7.03 -25.16
C GLY B 69 20.02 -8.12 -24.16
N ALA B 70 20.80 -7.75 -23.15
CA ALA B 70 21.19 -8.70 -22.12
C ALA B 70 21.68 -7.98 -20.87
N ASP B 71 21.70 -8.73 -19.76
CA ASP B 71 22.47 -8.38 -18.57
C ASP B 71 23.93 -8.74 -18.79
N GLU B 72 24.84 -7.77 -18.64
CA GLU B 72 26.29 -8.04 -18.67
C GLU B 72 26.80 -8.15 -17.24
N ARG B 73 26.95 -9.40 -16.78
CA ARG B 73 27.27 -9.73 -15.41
C ARG B 73 28.78 -10.00 -15.28
N ARG B 74 29.50 -8.95 -14.91
CA ARG B 74 30.95 -8.98 -15.01
CA ARG B 74 30.95 -8.98 -15.01
C ARG B 74 31.56 -10.01 -14.06
N LEU B 75 31.16 -9.98 -12.80
CA LEU B 75 31.92 -10.70 -11.78
C LEU B 75 31.44 -12.12 -11.49
N HIS B 76 30.22 -12.45 -11.91
CA HIS B 76 29.63 -13.77 -11.62
C HIS B 76 28.23 -13.81 -12.18
N SER B 77 27.57 -14.96 -12.09
CA SER B 77 26.31 -15.25 -12.75
C SER B 77 25.09 -14.91 -11.93
N SER B 78 25.29 -14.54 -10.67
CA SER B 78 24.18 -14.37 -9.75
C SER B 78 23.40 -13.08 -10.05
N ASP B 79 22.21 -12.99 -9.46
CA ASP B 79 21.26 -11.92 -9.73
C ASP B 79 21.60 -10.66 -8.94
N TRP B 80 22.84 -10.25 -8.97
CA TRP B 80 23.28 -9.04 -8.29
C TRP B 80 24.70 -8.78 -8.74
N GLY B 81 25.31 -7.73 -8.16
CA GLY B 81 26.66 -7.34 -8.53
C GLY B 81 26.73 -6.19 -9.53
N ASP B 82 27.83 -6.17 -10.26
CA ASP B 82 28.14 -5.18 -11.29
C ASP B 82 27.55 -5.72 -12.58
N ILE B 83 26.39 -5.18 -12.95
CA ILE B 83 25.64 -5.64 -14.10
C ILE B 83 25.31 -4.41 -14.95
N GLY B 84 25.61 -4.49 -16.25
CA GLY B 84 25.24 -3.45 -17.18
C GLY B 84 24.09 -3.90 -18.08
N MET B 85 23.26 -2.94 -18.49
CA MET B 85 22.25 -3.18 -19.52
C MET B 85 22.91 -2.88 -20.86
N VAL B 86 23.01 -3.91 -21.72
CA VAL B 86 23.74 -3.76 -22.97
C VAL B 86 22.90 -4.28 -24.11
N ILE B 87 23.20 -3.80 -25.32
CA ILE B 87 22.62 -4.33 -26.54
C ILE B 87 23.70 -4.45 -27.61
N ARG B 88 23.41 -5.26 -28.61
CA ARG B 88 24.10 -5.28 -29.90
C ARG B 88 23.03 -5.19 -30.98
N ARG B 89 23.43 -4.66 -32.13
CA ARG B 89 22.51 -4.48 -33.25
C ARG B 89 22.98 -5.25 -34.49
N SER B 90 22.03 -5.80 -35.24
CA SER B 90 22.34 -6.52 -36.47
C SER B 90 21.45 -5.92 -37.54
N GLU B 91 22.06 -5.30 -38.54
CA GLU B 91 21.32 -4.73 -39.67
C GLU B 91 21.13 -5.72 -40.78
N ASP B 92 21.53 -6.99 -40.61
CA ASP B 92 21.41 -7.96 -41.68
C ASP B 92 20.70 -9.21 -41.23
N ASN B 93 19.63 -9.05 -40.43
CA ASN B 93 18.76 -10.14 -40.01
C ASN B 93 19.51 -11.24 -39.25
N GLY B 94 20.57 -10.88 -38.55
CA GLY B 94 21.18 -11.77 -37.58
C GLY B 94 22.43 -12.47 -38.06
N LYS B 95 22.99 -12.05 -39.18
CA LYS B 95 24.21 -12.68 -39.65
C LYS B 95 25.44 -12.09 -38.99
N THR B 96 25.60 -10.77 -39.04
CA THR B 96 26.69 -10.07 -38.36
C THR B 96 26.10 -9.12 -37.32
N TRP B 97 26.91 -8.81 -36.34
CA TRP B 97 26.50 -8.01 -35.17
C TRP B 97 27.50 -6.90 -34.88
N GLY B 98 26.98 -5.71 -34.64
CA GLY B 98 27.83 -4.58 -34.31
C GLY B 98 28.40 -4.65 -32.90
N ASP B 99 29.01 -3.56 -32.49
CA ASP B 99 29.64 -3.54 -31.20
C ASP B 99 28.62 -3.45 -30.07
N ARG B 100 29.04 -3.87 -28.88
CA ARG B 100 28.21 -3.68 -27.69
C ARG B 100 27.93 -2.21 -27.45
N VAL B 101 26.67 -1.89 -27.17
CA VAL B 101 26.23 -0.56 -26.77
C VAL B 101 25.75 -0.67 -25.34
N THR B 102 26.32 0.10 -24.44
CA THR B 102 25.88 0.03 -23.06
C THR B 102 24.81 1.11 -22.80
N ILE B 103 23.63 0.66 -22.39
CA ILE B 103 22.54 1.56 -22.04
C ILE B 103 22.76 2.18 -20.67
N THR B 104 23.04 1.34 -19.66
CA THR B 104 23.19 1.78 -18.29
C THR B 104 24.16 0.89 -17.57
N ASN B 105 25.05 1.49 -16.81
CA ASN B 105 25.91 0.69 -15.96
C ASN B 105 26.40 1.53 -14.80
N LEU B 106 25.73 1.42 -13.66
CA LEU B 106 26.05 2.24 -12.52
C LEU B 106 27.44 1.91 -11.96
N ARG B 107 28.14 2.92 -11.44
CA ARG B 107 29.50 2.64 -10.96
C ARG B 107 29.47 1.86 -9.64
N ASP B 108 30.50 1.05 -9.45
CA ASP B 108 30.61 0.22 -8.27
C ASP B 108 30.89 1.11 -7.07
N ASN B 109 30.56 0.58 -5.90
CA ASN B 109 30.99 1.18 -4.68
C ASN B 109 32.47 0.84 -4.53
N PRO B 110 33.39 1.79 -4.68
CA PRO B 110 34.83 1.44 -4.61
C PRO B 110 35.29 1.04 -3.23
N LYS B 111 34.50 1.31 -2.18
CA LYS B 111 34.87 0.97 -0.82
C LYS B 111 34.13 -0.27 -0.32
N ALA B 112 33.38 -0.94 -1.18
CA ALA B 112 32.71 -2.15 -0.72
C ALA B 112 33.72 -3.25 -0.35
N SER B 113 33.47 -3.92 0.76
CA SER B 113 34.34 -5.03 1.18
C SER B 113 34.30 -6.19 0.18
N ASP B 114 33.13 -6.52 -0.35
CA ASP B 114 32.98 -7.65 -1.26
C ASP B 114 32.48 -7.15 -2.60
N PRO B 115 33.37 -7.01 -3.57
CA PRO B 115 32.95 -6.44 -4.85
C PRO B 115 31.85 -7.22 -5.51
N SER B 116 31.65 -8.49 -5.14
CA SER B 116 30.65 -9.28 -5.84
C SER B 116 29.21 -8.90 -5.44
N ILE B 117 29.02 -8.26 -4.29
CA ILE B 117 27.76 -7.63 -3.91
C ILE B 117 27.97 -6.14 -3.70
N GLY B 118 28.96 -5.55 -4.37
CA GLY B 118 29.37 -4.21 -4.02
C GLY B 118 28.99 -3.11 -4.98
N SER B 119 27.93 -3.35 -5.77
CA SER B 119 27.52 -2.38 -6.77
C SER B 119 26.02 -2.17 -6.76
N PRO B 120 25.57 -0.95 -6.96
CA PRO B 120 24.16 -0.76 -7.34
C PRO B 120 23.83 -1.63 -8.54
N VAL B 121 22.63 -2.18 -8.55
CA VAL B 121 22.26 -3.26 -9.46
C VAL B 121 21.23 -2.73 -10.47
N ASN B 122 21.48 -2.97 -11.76
CA ASN B 122 20.45 -3.08 -12.79
C ASN B 122 20.38 -4.53 -13.24
N ILE B 123 19.17 -5.03 -13.46
CA ILE B 123 18.95 -6.45 -13.76
C ILE B 123 17.60 -6.59 -14.44
N ASP B 124 17.55 -7.41 -15.51
CA ASP B 124 16.36 -7.82 -16.26
C ASP B 124 15.72 -6.70 -17.10
N MET B 125 15.74 -6.81 -18.44
CA MET B 125 15.14 -5.78 -19.27
C MET B 125 13.98 -6.33 -20.11
N VAL B 126 13.04 -5.43 -20.39
CA VAL B 126 12.02 -5.62 -21.41
C VAL B 126 12.26 -4.57 -22.50
N LEU B 127 12.38 -5.01 -23.75
CA LEU B 127 12.48 -4.11 -24.90
C LEU B 127 11.10 -4.02 -25.58
N VAL B 128 10.78 -2.85 -26.13
CA VAL B 128 9.61 -2.70 -27.02
C VAL B 128 9.80 -1.44 -27.85
N GLN B 129 9.21 -1.43 -29.04
CA GLN B 129 9.24 -0.24 -29.87
C GLN B 129 7.85 0.34 -30.09
N ASP B 130 7.72 1.63 -29.97
CA ASP B 130 6.45 2.29 -30.29
C ASP B 130 6.34 2.37 -31.80
N PRO B 131 5.35 1.76 -32.42
CA PRO B 131 5.32 1.78 -33.89
C PRO B 131 5.01 3.16 -34.51
N GLU B 132 4.44 4.12 -33.79
CA GLU B 132 4.15 5.42 -34.35
C GLU B 132 5.33 6.36 -34.21
N THR B 133 5.87 6.49 -32.98
CA THR B 133 6.95 7.42 -32.74
C THR B 133 8.31 6.82 -33.05
N LYS B 134 8.38 5.52 -33.22
CA LYS B 134 9.60 4.74 -33.44
C LYS B 134 10.50 4.73 -32.20
N ARG B 135 10.10 5.31 -31.08
CA ARG B 135 10.93 5.26 -29.88
C ARG B 135 11.03 3.82 -29.37
N ILE B 136 12.25 3.42 -28.97
CA ILE B 136 12.55 2.09 -28.48
C ILE B 136 12.83 2.25 -26.99
N PHE B 137 12.22 1.38 -26.20
CA PHE B 137 12.24 1.48 -24.77
C PHE B 137 12.95 0.25 -24.21
N SER B 138 13.77 0.47 -23.18
CA SER B 138 14.33 -0.60 -22.36
C SER B 138 13.93 -0.33 -20.91
N ILE B 139 13.11 -1.19 -20.32
CA ILE B 139 12.62 -1.05 -18.95
C ILE B 139 13.26 -2.15 -18.12
N TYR B 140 13.85 -1.80 -17.00
CA TYR B 140 14.67 -2.80 -16.28
C TYR B 140 14.67 -2.48 -14.79
N ASP B 141 15.08 -3.46 -13.97
CA ASP B 141 14.94 -3.31 -12.53
C ASP B 141 16.12 -2.47 -12.02
N MET B 142 15.94 -1.86 -10.86
CA MET B 142 17.08 -1.26 -10.19
C MET B 142 17.00 -1.46 -8.69
N PHE B 143 18.17 -1.79 -8.12
CA PHE B 143 18.33 -1.82 -6.67
C PHE B 143 19.59 -1.05 -6.25
N PRO B 144 19.61 -0.45 -5.07
CA PRO B 144 20.88 0.08 -4.57
C PRO B 144 21.83 -1.07 -4.26
N GLU B 145 23.07 -0.69 -3.94
CA GLU B 145 24.12 -1.67 -3.61
C GLU B 145 23.60 -2.76 -2.68
N GLY B 146 23.83 -4.02 -3.07
CA GLY B 146 23.48 -5.20 -2.30
C GLY B 146 23.23 -6.41 -3.19
N LYS B 147 22.36 -7.29 -2.69
CA LYS B 147 22.07 -8.53 -3.40
C LYS B 147 20.73 -8.54 -4.15
N GLY B 148 20.29 -7.37 -4.64
CA GLY B 148 19.06 -7.31 -5.44
C GLY B 148 17.84 -7.92 -4.77
N ILE B 149 17.09 -8.71 -5.54
CA ILE B 149 15.85 -9.28 -5.00
C ILE B 149 16.11 -10.21 -3.82
N PHE B 150 17.31 -10.76 -3.73
CA PHE B 150 17.61 -11.66 -2.62
C PHE B 150 18.17 -10.94 -1.42
N GLY B 151 18.31 -9.62 -1.48
CA GLY B 151 18.81 -8.88 -0.35
C GLY B 151 17.85 -7.84 0.20
N MET B 152 16.56 -8.00 -0.08
CA MET B 152 15.61 -6.96 0.29
C MET B 152 15.28 -7.03 1.79
N SER B 153 15.12 -5.86 2.40
CA SER B 153 14.94 -5.77 3.84
C SER B 153 13.52 -6.16 4.27
N SER B 154 13.39 -6.63 5.52
CA SER B 154 12.06 -6.98 6.01
C SER B 154 11.22 -5.75 6.31
N GLN B 155 11.83 -4.57 6.45
CA GLN B 155 11.10 -3.35 6.79
C GLN B 155 11.08 -2.36 5.63
N LYS B 156 9.91 -1.74 5.43
CA LYS B 156 9.75 -0.73 4.40
C LYS B 156 10.43 0.57 4.79
N GLU B 157 11.07 1.18 3.81
CA GLU B 157 11.49 2.56 3.87
C GLU B 157 10.76 3.32 2.79
N GLU B 158 10.12 4.43 3.16
CA GLU B 158 9.45 5.26 2.16
C GLU B 158 10.50 5.74 1.16
N ALA B 159 10.19 5.65 -0.14
CA ALA B 159 11.17 6.03 -1.15
C ALA B 159 10.87 7.38 -1.81
N TYR B 160 9.61 7.86 -1.72
CA TYR B 160 9.15 9.06 -2.43
C TYR B 160 8.28 9.89 -1.48
N LYS B 161 8.27 11.22 -1.72
CA LYS B 161 7.42 12.13 -0.95
C LYS B 161 6.79 13.14 -1.91
N LYS B 162 5.49 13.32 -1.78
CA LYS B 162 4.76 14.28 -2.62
C LYS B 162 4.69 15.62 -1.88
N ILE B 163 5.19 16.67 -2.49
CA ILE B 163 5.26 17.98 -1.83
C ILE B 163 4.60 18.99 -2.74
N ASP B 164 3.43 19.46 -2.31
CA ASP B 164 2.57 20.36 -3.08
C ASP B 164 2.44 19.89 -4.53
N GLY B 165 1.98 18.65 -4.67
CA GLY B 165 1.68 18.08 -5.97
C GLY B 165 2.85 17.51 -6.75
N LYS B 166 4.07 17.61 -6.23
CA LYS B 166 5.28 17.22 -6.94
C LYS B 166 5.94 16.08 -6.17
N THR B 167 6.31 15.01 -6.87
CA THR B 167 6.85 13.82 -6.21
C THR B 167 8.36 13.84 -6.27
N TYR B 168 9.03 13.75 -5.12
CA TYR B 168 10.48 13.78 -5.06
C TYR B 168 11.00 12.48 -4.43
N GLN B 169 12.13 12.04 -4.93
CA GLN B 169 12.80 10.91 -4.31
C GLN B 169 13.39 11.32 -2.95
N ILE B 170 13.26 10.39 -1.99
CA ILE B 170 13.70 10.60 -0.62
C ILE B 170 15.17 10.22 -0.49
N LEU B 171 15.88 10.97 0.36
CA LEU B 171 17.20 10.60 0.84
C LEU B 171 17.17 10.50 2.36
N TYR B 172 17.85 9.50 2.88
CA TYR B 172 18.06 9.34 4.30
C TYR B 172 19.51 9.70 4.63
N ARG B 173 19.68 10.37 5.77
CA ARG B 173 20.96 10.87 6.20
C ARG B 173 21.36 10.10 7.43
N GLU B 174 22.65 9.81 7.52
CA GLU B 174 23.20 9.06 8.64
C GLU B 174 22.74 9.69 9.98
N GLY B 175 22.21 8.83 10.88
CA GLY B 175 21.90 9.28 12.23
C GLY B 175 20.69 10.18 12.35
N GLU B 176 19.97 10.44 11.26
CA GLU B 176 18.81 11.33 11.27
C GLU B 176 17.60 10.59 10.73
N LYS B 177 16.43 10.85 11.33
CA LYS B 177 15.25 10.09 10.94
C LYS B 177 14.49 10.69 9.75
N GLY B 178 14.46 12.01 9.61
CA GLY B 178 13.58 12.63 8.65
C GLY B 178 13.99 12.37 7.20
N ALA B 179 13.06 12.65 6.30
CA ALA B 179 13.28 12.45 4.88
C ALA B 179 13.75 13.72 4.18
N TYR B 180 15.00 13.73 3.73
CA TYR B 180 15.43 14.70 2.75
C TYR B 180 14.74 14.40 1.42
N THR B 181 14.80 15.35 0.49
CA THR B 181 14.24 15.16 -0.84
C THR B 181 15.22 15.70 -1.89
N ILE B 182 15.25 15.01 -3.03
CA ILE B 182 16.03 15.41 -4.18
C ILE B 182 15.11 16.21 -5.08
N ARG B 183 15.31 17.53 -5.20
CA ARG B 183 14.36 18.33 -5.98
C ARG B 183 15.00 18.83 -7.29
N GLU B 184 14.56 19.98 -7.75
CA GLU B 184 14.96 20.52 -9.05
C GLU B 184 16.48 20.59 -9.17
N ASN B 185 16.99 20.22 -10.33
CA ASN B 185 18.42 20.23 -10.60
C ASN B 185 19.23 19.33 -9.65
N GLY B 186 18.57 18.45 -8.91
CA GLY B 186 19.26 17.55 -8.02
C GLY B 186 19.58 18.10 -6.66
N THR B 187 19.10 19.31 -6.38
CA THR B 187 19.38 19.96 -5.10
C THR B 187 18.69 19.23 -3.97
N VAL B 188 19.45 18.89 -2.93
CA VAL B 188 18.91 18.17 -1.78
C VAL B 188 18.29 19.18 -0.81
N TYR B 189 17.07 18.87 -0.35
CA TYR B 189 16.31 19.64 0.63
C TYR B 189 16.20 18.90 1.95
N THR B 190 16.20 19.68 3.04
CA THR B 190 16.07 19.16 4.39
C THR B 190 14.66 18.64 4.61
N PRO B 191 14.44 17.79 5.62
CA PRO B 191 13.07 17.39 5.95
C PRO B 191 12.15 18.57 6.12
N ASP B 192 12.67 19.70 6.64
CA ASP B 192 11.89 20.90 6.88
C ASP B 192 11.70 21.77 5.65
N GLY B 193 12.32 21.43 4.53
CA GLY B 193 12.09 22.14 3.30
C GLY B 193 13.09 23.22 2.93
N LYS B 194 14.29 23.22 3.49
CA LYS B 194 15.27 24.24 3.16
C LYS B 194 16.34 23.66 2.25
N ALA B 195 16.64 24.36 1.16
CA ALA B 195 17.71 23.93 0.26
C ALA B 195 19.03 23.76 1.01
N THR B 196 19.88 22.85 0.53
CA THR B 196 21.20 22.62 1.10
C THR B 196 22.27 22.78 0.03
N ASP B 197 23.52 22.68 0.45
CA ASP B 197 24.64 22.74 -0.46
C ASP B 197 24.93 21.42 -1.17
N TYR B 198 24.19 20.36 -0.83
CA TYR B 198 24.36 19.06 -1.47
C TYR B 198 23.47 18.93 -2.69
N ARG B 199 23.97 18.22 -3.70
CA ARG B 199 23.17 17.99 -4.90
C ARG B 199 23.49 16.61 -5.45
N VAL B 200 22.51 16.04 -6.15
CA VAL B 200 22.61 14.72 -6.76
C VAL B 200 22.71 14.88 -8.27
N VAL B 201 23.60 14.10 -8.88
CA VAL B 201 23.63 14.05 -10.33
C VAL B 201 22.37 13.30 -10.80
N VAL B 202 21.33 14.07 -11.17
CA VAL B 202 20.10 13.50 -11.72
C VAL B 202 20.09 13.54 -13.23
N ASP B 203 21.00 14.27 -13.85
CA ASP B 203 21.15 14.35 -15.31
C ASP B 203 22.55 13.85 -15.66
N PRO B 204 22.79 12.53 -15.51
CA PRO B 204 24.14 12.00 -15.72
C PRO B 204 24.65 12.28 -17.15
N VAL B 205 25.96 12.39 -17.25
CA VAL B 205 26.60 12.72 -18.53
C VAL B 205 27.69 11.76 -18.95
N LYS B 206 28.20 10.93 -18.08
CA LYS B 206 29.31 10.06 -18.44
C LYS B 206 28.81 8.87 -19.24
N PRO B 207 29.73 8.18 -19.94
CA PRO B 207 29.36 6.97 -20.67
C PRO B 207 28.66 5.97 -19.76
N ALA B 208 27.58 5.40 -20.27
CA ALA B 208 26.73 4.47 -19.52
C ALA B 208 26.07 5.13 -18.34
N TYR B 209 26.18 6.44 -18.22
CA TYR B 209 25.52 7.13 -17.10
C TYR B 209 26.03 6.57 -15.78
N SER B 210 27.30 6.17 -15.76
CA SER B 210 27.92 5.72 -14.52
C SER B 210 27.93 6.79 -13.43
N ASP B 211 27.61 8.05 -13.77
CA ASP B 211 27.66 9.10 -12.75
C ASP B 211 26.33 9.31 -12.07
N LYS B 212 25.28 8.59 -12.50
CA LYS B 212 23.96 8.80 -11.96
C LYS B 212 23.93 8.48 -10.48
N GLY B 213 23.34 9.39 -9.69
CA GLY B 213 23.30 9.27 -8.26
C GLY B 213 24.51 9.83 -7.51
N ASP B 214 25.58 10.25 -8.19
CA ASP B 214 26.70 10.86 -7.50
C ASP B 214 26.22 11.99 -6.59
N LEU B 215 26.81 12.04 -5.41
CA LEU B 215 26.44 12.99 -4.37
C LEU B 215 27.57 14.01 -4.24
N TYR B 216 27.25 15.26 -4.56
CA TYR B 216 28.19 16.37 -4.49
C TYR B 216 27.79 17.28 -3.34
N LYS B 217 28.81 17.83 -2.68
CA LYS B 217 28.64 19.04 -1.87
C LYS B 217 29.46 20.14 -2.54
N GLY B 218 28.79 21.20 -2.95
CA GLY B 218 29.43 22.20 -3.79
C GLY B 218 29.89 21.52 -5.06
N ASN B 219 31.18 21.66 -5.34
CA ASN B 219 31.78 21.04 -6.51
C ASN B 219 32.62 19.81 -6.15
N GLN B 220 32.53 19.32 -4.92
CA GLN B 220 33.33 18.18 -4.45
C GLN B 220 32.46 16.91 -4.48
N LEU B 221 32.87 15.93 -5.28
CA LEU B 221 32.22 14.63 -5.30
C LEU B 221 32.49 13.91 -3.97
N LEU B 222 31.43 13.51 -3.25
CA LEU B 222 31.61 12.83 -1.98
C LEU B 222 31.34 11.34 -2.03
N GLY B 223 30.40 10.88 -2.85
CA GLY B 223 29.98 9.49 -2.81
C GLY B 223 28.83 9.28 -3.78
N ASN B 224 27.91 8.36 -3.44
CA ASN B 224 26.80 8.06 -4.33
C ASN B 224 25.60 7.59 -3.51
N ILE B 225 24.42 8.07 -3.87
CA ILE B 225 23.22 7.78 -3.08
C ILE B 225 22.75 6.34 -3.23
N TYR B 226 23.29 5.60 -4.18
CA TYR B 226 22.98 4.19 -4.34
C TYR B 226 23.94 3.28 -3.56
N PHE B 227 24.96 3.87 -2.94
CA PHE B 227 25.87 3.10 -2.09
C PHE B 227 25.22 2.88 -0.76
N THR B 228 25.36 1.70 -0.21
CA THR B 228 24.79 1.35 1.08
C THR B 228 25.79 0.89 2.13
N THR B 229 27.06 0.62 1.78
CA THR B 229 28.09 0.25 2.78
C THR B 229 29.29 1.19 2.65
N ASN B 230 30.05 1.30 3.75
CA ASN B 230 31.30 2.07 3.81
C ASN B 230 31.18 3.37 3.02
N LYS B 231 30.14 4.12 3.36
CA LYS B 231 29.77 5.29 2.59
C LYS B 231 30.76 6.43 2.86
N THR B 232 31.02 7.23 1.82
CA THR B 232 31.81 8.44 1.92
C THR B 232 30.97 9.72 1.85
N SER B 233 29.67 9.61 1.53
CA SER B 233 28.75 10.73 1.63
C SER B 233 27.72 10.40 2.71
N PRO B 234 26.93 11.37 3.16
CA PRO B 234 25.93 11.11 4.21
C PRO B 234 24.56 10.58 3.76
N PHE B 235 24.31 10.41 2.46
CA PHE B 235 22.96 10.22 1.94
C PHE B 235 22.83 8.94 1.13
N ARG B 236 21.67 8.29 1.26
CA ARG B 236 21.29 7.16 0.44
C ARG B 236 19.78 7.19 0.20
N ILE B 237 19.36 6.57 -0.91
CA ILE B 237 17.95 6.37 -1.20
C ILE B 237 17.42 5.27 -0.30
N ALA B 238 16.08 5.11 -0.31
CA ALA B 238 15.42 4.01 0.37
C ALA B 238 15.96 2.70 -0.18
N LYS B 239 16.17 1.75 0.72
CA LYS B 239 16.55 0.40 0.35
C LYS B 239 15.28 -0.31 -0.13
N ASP B 240 15.14 -0.49 -1.44
CA ASP B 240 13.90 -0.98 -2.03
C ASP B 240 14.15 -1.42 -3.46
N SER B 241 13.08 -1.90 -4.11
CA SER B 241 13.10 -2.35 -5.49
C SER B 241 12.56 -1.22 -6.38
N TYR B 242 13.26 -0.94 -7.47
CA TYR B 242 12.90 0.16 -8.34
C TYR B 242 12.77 -0.28 -9.79
N LEU B 243 12.09 0.56 -10.59
CA LEU B 243 11.91 0.31 -12.01
C LEU B 243 12.37 1.51 -12.83
N TRP B 244 13.27 1.25 -13.78
CA TRP B 244 13.87 2.32 -14.56
C TRP B 244 13.62 2.10 -16.04
N MET B 245 13.74 3.16 -16.79
CA MET B 245 13.50 3.11 -18.22
C MET B 245 14.47 4.01 -18.92
N SER B 246 14.96 3.53 -20.03
CA SER B 246 15.83 4.26 -20.95
C SER B 246 15.24 4.07 -22.35
N TYR B 247 15.48 5.06 -23.22
CA TYR B 247 14.85 5.07 -24.53
C TYR B 247 15.83 5.55 -25.60
N SER B 248 15.62 5.02 -26.80
CA SER B 248 16.43 5.36 -27.96
C SER B 248 15.55 5.83 -29.11
N ASP B 249 15.95 6.91 -29.76
CA ASP B 249 15.23 7.43 -30.95
C ASP B 249 16.00 7.21 -32.24
N ASP B 250 17.12 6.53 -32.18
CA ASP B 250 17.93 6.26 -33.35
C ASP B 250 18.24 4.77 -33.48
N ASP B 251 17.20 3.93 -33.37
CA ASP B 251 17.32 2.51 -33.68
C ASP B 251 18.30 1.80 -32.77
N GLY B 252 18.42 2.30 -31.55
CA GLY B 252 19.20 1.64 -30.52
C GLY B 252 20.68 1.94 -30.48
N LYS B 253 21.14 2.92 -31.24
CA LYS B 253 22.54 3.30 -31.16
C LYS B 253 22.86 4.13 -29.93
N THR B 254 21.93 4.99 -29.49
CA THR B 254 22.17 5.86 -28.34
C THR B 254 20.92 5.86 -27.47
N TRP B 255 21.13 6.11 -26.17
CA TRP B 255 20.10 5.87 -25.18
C TRP B 255 20.02 7.07 -24.27
N SER B 256 18.80 7.41 -23.90
CA SER B 256 18.60 8.47 -22.95
C SER B 256 19.19 8.04 -21.60
N ALA B 257 19.32 9.02 -20.72
CA ALA B 257 19.59 8.75 -19.33
C ALA B 257 18.41 7.98 -18.71
N PRO B 258 18.67 7.17 -17.68
CA PRO B 258 17.58 6.38 -17.10
C PRO B 258 16.51 7.31 -16.50
N GLN B 259 15.25 6.93 -16.66
CA GLN B 259 14.17 7.57 -15.95
C GLN B 259 13.62 6.62 -14.90
N ASP B 260 13.38 7.15 -13.70
CA ASP B 260 12.88 6.38 -12.58
C ASP B 260 11.38 6.36 -12.72
N ILE B 261 10.82 5.28 -13.25
CA ILE B 261 9.37 5.25 -13.39
C ILE B 261 8.63 4.63 -12.23
N THR B 262 9.36 4.14 -11.19
CA THR B 262 8.75 3.49 -10.03
C THR B 262 7.54 4.22 -9.45
N PRO B 263 7.62 5.50 -9.14
CA PRO B 263 6.50 6.15 -8.43
C PRO B 263 5.20 6.13 -9.23
N MET B 264 5.27 5.88 -10.51
CA MET B 264 4.09 5.83 -11.39
C MET B 264 3.29 4.55 -11.21
N VAL B 265 3.96 3.48 -10.78
CA VAL B 265 3.39 2.14 -10.84
C VAL B 265 3.51 1.36 -9.55
N LYS B 266 4.43 1.67 -8.66
CA LYS B 266 4.62 0.81 -7.51
C LYS B 266 3.67 1.28 -6.40
N ALA B 267 2.79 0.40 -5.96
CA ALA B 267 1.93 0.71 -4.83
C ALA B 267 2.68 0.67 -3.48
N ASP B 268 2.04 1.24 -2.44
CA ASP B 268 2.71 1.32 -1.14
CA ASP B 268 2.71 1.31 -1.14
C ASP B 268 2.84 -0.05 -0.46
N TRP B 269 2.05 -1.02 -0.84
CA TRP B 269 2.20 -2.37 -0.29
C TRP B 269 3.25 -3.20 -0.98
N MET B 270 3.64 -2.83 -2.19
CA MET B 270 4.51 -3.70 -2.97
C MET B 270 5.91 -3.77 -2.36
N LYS B 271 6.43 -4.97 -2.29
CA LYS B 271 7.83 -5.19 -1.88
C LYS B 271 8.65 -5.15 -3.17
N PHE B 272 8.84 -6.30 -3.80
CA PHE B 272 9.45 -6.32 -5.11
C PHE B 272 8.44 -5.94 -6.19
N LEU B 273 8.90 -5.17 -7.15
CA LEU B 273 8.20 -4.92 -8.40
C LEU B 273 9.25 -4.91 -9.48
N GLY B 274 9.16 -5.85 -10.42
CA GLY B 274 10.13 -5.94 -11.50
C GLY B 274 9.61 -6.50 -12.79
N VAL B 275 10.41 -6.42 -13.85
CA VAL B 275 9.92 -6.82 -15.18
C VAL B 275 9.94 -8.34 -15.30
N GLY B 276 9.07 -8.86 -16.18
CA GLY B 276 9.23 -10.18 -16.72
C GLY B 276 9.98 -10.03 -18.00
N PRO B 277 11.27 -10.35 -17.96
CA PRO B 277 12.16 -9.92 -19.03
C PRO B 277 11.86 -10.57 -20.36
N GLY B 278 12.22 -9.81 -21.38
CA GLY B 278 11.95 -10.19 -22.78
C GLY B 278 11.51 -9.00 -23.59
N THR B 279 10.49 -9.19 -24.44
CA THR B 279 10.06 -8.17 -25.39
C THR B 279 8.56 -7.94 -25.21
N GLY B 280 8.20 -6.71 -24.88
CA GLY B 280 6.80 -6.34 -24.70
C GLY B 280 6.15 -6.15 -26.04
N ILE B 281 4.92 -5.65 -26.02
CA ILE B 281 4.12 -5.51 -27.25
C ILE B 281 3.42 -4.16 -27.26
N VAL B 282 3.01 -3.76 -28.45
CA VAL B 282 2.05 -2.66 -28.60
C VAL B 282 0.77 -3.28 -29.16
N LEU B 283 -0.37 -2.96 -28.55
CA LEU B 283 -1.63 -3.59 -28.95
C LEU B 283 -2.00 -3.08 -30.33
N ARG B 284 -2.36 -3.98 -31.26
CA ARG B 284 -2.52 -3.63 -32.64
C ARG B 284 -3.98 -3.42 -33.05
N ASN B 285 -4.95 -3.77 -32.19
CA ASN B 285 -6.36 -3.64 -32.53
C ASN B 285 -7.18 -3.33 -31.28
N GLY B 286 -8.44 -2.96 -31.52
CA GLY B 286 -9.38 -2.74 -30.45
C GLY B 286 -9.29 -1.33 -29.94
N PRO B 287 -10.09 -1.07 -28.90
CA PRO B 287 -10.16 0.30 -28.35
C PRO B 287 -8.87 0.83 -27.72
N HIS B 288 -7.93 -0.04 -27.38
CA HIS B 288 -6.68 0.38 -26.77
C HIS B 288 -5.49 0.16 -27.70
N LYS B 289 -5.75 0.14 -29.00
CA LYS B 289 -4.68 0.11 -29.96
C LYS B 289 -3.66 1.20 -29.64
N GLY B 290 -2.38 0.86 -29.75
CA GLY B 290 -1.28 1.76 -29.42
C GLY B 290 -0.81 1.68 -27.99
N ARG B 291 -1.55 1.01 -27.13
CA ARG B 291 -1.15 0.81 -25.75
C ARG B 291 0.09 -0.07 -25.70
N ILE B 292 1.09 0.40 -24.96
CA ILE B 292 2.31 -0.37 -24.70
C ILE B 292 2.11 -1.23 -23.47
N LEU B 293 2.35 -2.54 -23.58
CA LEU B 293 2.30 -3.46 -22.44
C LEU B 293 3.68 -4.03 -22.08
N ILE B 294 4.00 -3.98 -20.80
CA ILE B 294 5.24 -4.46 -20.23
C ILE B 294 4.91 -5.47 -19.14
N PRO B 295 5.25 -6.77 -19.29
CA PRO B 295 5.03 -7.71 -18.17
C PRO B 295 5.89 -7.36 -16.98
N VAL B 296 5.30 -7.50 -15.78
CA VAL B 296 5.97 -7.23 -14.51
C VAL B 296 5.41 -8.23 -13.53
N TYR B 297 6.12 -8.37 -12.39
CA TYR B 297 5.58 -9.09 -11.24
C TYR B 297 6.05 -8.46 -9.93
N THR B 298 5.25 -8.72 -8.89
CA THR B 298 5.43 -8.22 -7.55
C THR B 298 5.55 -9.33 -6.52
N THR B 299 6.05 -8.96 -5.33
CA THR B 299 5.84 -9.69 -4.10
C THR B 299 5.26 -8.76 -3.06
N ASN B 300 4.68 -9.35 -2.04
CA ASN B 300 4.16 -8.62 -0.89
C ASN B 300 5.04 -8.88 0.34
N ASN B 301 4.70 -8.12 1.40
CA ASN B 301 5.42 -8.23 2.67
C ASN B 301 4.92 -9.39 3.52
N VAL B 302 3.83 -10.05 3.11
CA VAL B 302 3.31 -11.17 3.88
C VAL B 302 4.16 -12.42 3.65
N SER B 303 4.46 -12.73 2.39
CA SER B 303 5.19 -13.96 2.10
C SER B 303 6.31 -13.79 1.09
N HIS B 304 6.43 -12.59 0.48
CA HIS B 304 7.51 -12.20 -0.39
C HIS B 304 7.73 -13.34 -1.40
N LEU B 305 8.95 -13.93 -1.50
CA LEU B 305 9.29 -14.87 -2.56
C LEU B 305 8.77 -16.24 -2.27
N ASN B 306 8.23 -16.42 -1.05
CA ASN B 306 7.80 -17.80 -0.76
C ASN B 306 6.33 -18.12 -1.10
N GLY B 307 5.52 -17.05 -1.31
CA GLY B 307 4.12 -17.35 -1.60
C GLY B 307 3.34 -16.24 -2.34
N SER B 308 4.09 -15.17 -2.74
CA SER B 308 3.30 -14.02 -3.24
C SER B 308 3.63 -13.51 -4.66
N GLN B 309 4.65 -14.12 -5.33
CA GLN B 309 4.96 -13.64 -6.68
C GLN B 309 3.71 -13.64 -7.55
N SER B 310 3.46 -12.51 -8.23
CA SER B 310 2.21 -12.29 -8.95
C SER B 310 2.41 -11.48 -10.22
N SER B 311 2.00 -12.03 -11.36
CA SER B 311 2.16 -11.37 -12.64
C SER B 311 1.12 -10.28 -12.83
N ARG B 312 1.51 -9.25 -13.58
CA ARG B 312 0.59 -8.22 -14.07
C ARG B 312 1.29 -7.52 -15.23
N ILE B 313 0.59 -6.51 -15.83
CA ILE B 313 1.30 -5.64 -16.77
C ILE B 313 1.31 -4.20 -16.27
N ILE B 314 2.29 -3.44 -16.75
CA ILE B 314 2.19 -2.01 -16.71
C ILE B 314 2.02 -1.55 -18.15
N TYR B 315 1.49 -0.33 -18.29
CA TYR B 315 1.13 0.07 -19.63
C TYR B 315 1.23 1.58 -19.79
N SER B 316 1.45 1.98 -21.05
CA SER B 316 1.42 3.37 -21.42
C SER B 316 0.46 3.61 -22.57
N ASP B 317 -0.38 4.62 -22.40
CA ASP B 317 -1.29 5.10 -23.43
C ASP B 317 -0.82 6.38 -24.14
N ASP B 318 0.30 6.96 -23.72
CA ASP B 318 0.81 8.19 -24.30
C ASP B 318 2.24 7.99 -24.83
N HIS B 319 2.47 6.83 -25.45
CA HIS B 319 3.73 6.62 -26.16
C HIS B 319 4.93 6.65 -25.24
N GLY B 320 4.71 6.15 -24.02
CA GLY B 320 5.77 5.92 -23.07
C GLY B 320 6.07 7.06 -22.14
N LYS B 321 5.32 8.17 -22.24
CA LYS B 321 5.58 9.29 -21.35
CA LYS B 321 5.57 9.29 -21.35
C LYS B 321 5.17 8.98 -19.91
N THR B 322 4.01 8.33 -19.72
CA THR B 322 3.55 7.97 -18.40
C THR B 322 3.12 6.51 -18.43
N TRP B 323 3.19 5.86 -17.25
CA TRP B 323 3.01 4.44 -17.09
C TRP B 323 2.01 4.21 -15.95
N HIS B 324 1.25 3.13 -16.08
CA HIS B 324 0.24 2.77 -15.12
C HIS B 324 0.34 1.28 -14.87
N ALA B 325 -0.09 0.88 -13.68
CA ALA B 325 -0.18 -0.52 -13.33
C ALA B 325 -1.58 -1.03 -13.64
N GLY B 326 -1.66 -2.12 -14.37
CA GLY B 326 -2.84 -2.94 -14.36
C GLY B 326 -3.02 -3.68 -13.03
N GLU B 327 -4.13 -4.42 -12.90
CA GLU B 327 -4.31 -5.26 -11.71
C GLU B 327 -3.54 -6.58 -11.87
N ALA B 328 -3.29 -7.25 -10.74
CA ALA B 328 -2.65 -8.56 -10.81
C ALA B 328 -3.68 -9.60 -11.28
N VAL B 329 -3.19 -10.58 -12.04
CA VAL B 329 -3.97 -11.79 -12.31
C VAL B 329 -4.52 -12.35 -11.00
N ASN B 330 -3.73 -12.30 -9.92
CA ASN B 330 -4.17 -12.92 -8.67
C ASN B 330 -5.07 -12.03 -7.83
N ASP B 331 -5.40 -10.81 -8.29
CA ASP B 331 -6.29 -9.93 -7.53
C ASP B 331 -7.74 -10.39 -7.65
N ASN B 332 -8.33 -10.71 -6.52
CA ASN B 332 -9.65 -11.28 -6.37
C ASN B 332 -9.82 -12.60 -7.11
N ARG B 333 -8.72 -13.37 -7.22
CA ARG B 333 -8.76 -14.74 -7.73
C ARG B 333 -9.23 -15.68 -6.64
N GLN B 334 -10.06 -16.66 -7.01
CA GLN B 334 -10.47 -17.71 -6.08
C GLN B 334 -9.56 -18.93 -6.16
N VAL B 335 -9.01 -19.32 -5.03
CA VAL B 335 -8.16 -20.49 -4.89
C VAL B 335 -8.80 -21.33 -3.82
N ASP B 336 -9.30 -22.50 -4.20
CA ASP B 336 -9.94 -23.42 -3.28
C ASP B 336 -11.06 -22.74 -2.50
N GLY B 337 -11.87 -21.97 -3.19
CA GLY B 337 -13.04 -21.38 -2.58
C GLY B 337 -12.85 -20.07 -1.87
N GLN B 338 -11.61 -19.59 -1.76
CA GLN B 338 -11.27 -18.40 -1.01
C GLN B 338 -10.64 -17.38 -1.97
N LYS B 339 -11.09 -16.12 -1.90
CA LYS B 339 -10.51 -15.08 -2.74
C LYS B 339 -9.17 -14.66 -2.18
N ILE B 340 -8.18 -14.44 -3.05
CA ILE B 340 -6.90 -13.91 -2.62
C ILE B 340 -6.68 -12.54 -3.25
N HIS B 341 -5.61 -11.91 -2.83
CA HIS B 341 -5.12 -10.68 -3.43
C HIS B 341 -3.59 -10.72 -3.49
N SER B 342 -3.04 -10.13 -4.56
CA SER B 342 -1.58 -10.12 -4.69
C SER B 342 -0.91 -9.44 -3.48
N SER B 343 -1.64 -8.56 -2.77
CA SER B 343 -1.02 -7.82 -1.68
C SER B 343 -1.00 -8.58 -0.36
N THR B 344 -1.79 -9.65 -0.24
CA THR B 344 -1.93 -10.41 0.98
C THR B 344 -1.76 -11.90 0.79
N MET B 345 -1.54 -12.38 -0.43
CA MET B 345 -1.54 -13.82 -0.63
C MET B 345 -0.28 -14.46 -0.02
N ASN B 346 -0.42 -15.75 0.27
CA ASN B 346 0.64 -16.64 0.79
C ASN B 346 0.26 -18.05 0.32
N ASN B 347 0.56 -18.35 -0.93
CA ASN B 347 0.11 -19.58 -1.56
C ASN B 347 1.09 -19.88 -2.70
N ARG B 348 2.02 -20.78 -2.41
CA ARG B 348 3.12 -21.04 -3.32
C ARG B 348 2.64 -21.47 -4.71
N ARG B 349 1.60 -22.31 -4.77
CA ARG B 349 1.13 -22.87 -6.02
C ARG B 349 0.38 -21.85 -6.89
N ALA B 350 -0.19 -20.84 -6.24
CA ALA B 350 -0.98 -19.81 -6.91
C ALA B 350 -0.09 -18.67 -7.43
N GLN B 351 1.21 -18.75 -7.20
CA GLN B 351 2.08 -17.72 -7.72
C GLN B 351 2.12 -17.76 -9.25
N ASN B 352 2.40 -16.60 -9.84
CA ASN B 352 2.75 -16.46 -11.24
C ASN B 352 3.79 -15.34 -11.29
N THR B 353 4.85 -15.54 -12.09
CA THR B 353 5.98 -14.60 -11.93
C THR B 353 6.31 -13.90 -13.23
N GLU B 354 7.47 -14.11 -13.76
CA GLU B 354 7.78 -13.62 -15.09
C GLU B 354 6.75 -14.15 -16.10
N SER B 355 6.39 -13.30 -17.05
CA SER B 355 5.40 -13.65 -18.06
C SER B 355 5.74 -12.96 -19.39
N THR B 356 5.07 -13.41 -20.42
CA THR B 356 5.21 -12.92 -21.78
C THR B 356 3.79 -12.69 -22.25
N VAL B 357 3.57 -11.65 -23.03
CA VAL B 357 2.23 -11.13 -23.26
C VAL B 357 1.92 -11.10 -24.77
N VAL B 358 0.71 -11.55 -25.14
CA VAL B 358 0.31 -11.57 -26.55
C VAL B 358 -1.10 -11.02 -26.75
N GLN B 359 -1.31 -10.27 -27.81
CA GLN B 359 -2.66 -9.82 -28.14
C GLN B 359 -3.21 -10.65 -29.30
N LEU B 360 -4.46 -11.08 -29.18
CA LEU B 360 -5.08 -11.82 -30.27
C LEU B 360 -5.74 -10.88 -31.28
N ASN B 361 -6.14 -11.46 -32.41
CA ASN B 361 -6.82 -10.60 -33.39
C ASN B 361 -8.20 -10.18 -32.87
N ASN B 362 -8.83 -10.99 -31.98
CA ASN B 362 -10.11 -10.62 -31.40
C ASN B 362 -9.98 -9.58 -30.27
N GLY B 363 -8.78 -9.05 -30.04
CA GLY B 363 -8.59 -8.01 -29.08
C GLY B 363 -8.17 -8.48 -27.70
N ASP B 364 -8.36 -9.74 -27.39
CA ASP B 364 -8.00 -10.21 -26.07
C ASP B 364 -6.49 -10.21 -25.89
N VAL B 365 -6.07 -10.10 -24.63
CA VAL B 365 -4.66 -10.20 -24.25
C VAL B 365 -4.46 -11.51 -23.48
N LYS B 366 -3.42 -12.24 -23.87
CA LYS B 366 -3.03 -13.48 -23.24
C LYS B 366 -1.72 -13.23 -22.49
N LEU B 367 -1.64 -13.70 -21.26
CA LEU B 367 -0.43 -13.57 -20.47
C LEU B 367 0.05 -14.98 -20.10
N PHE B 368 1.18 -15.41 -20.68
CA PHE B 368 1.73 -16.73 -20.39
C PHE B 368 2.73 -16.59 -19.22
N MET B 369 2.49 -17.30 -18.12
CA MET B 369 3.11 -16.96 -16.84
C MET B 369 3.96 -18.11 -16.29
N ARG B 370 5.21 -17.82 -16.02
CA ARG B 370 6.07 -18.74 -15.28
C ARG B 370 5.38 -19.10 -13.96
N GLY B 371 5.36 -20.40 -13.63
CA GLY B 371 4.75 -20.81 -12.39
C GLY B 371 5.24 -22.15 -11.92
N LEU B 372 4.46 -22.72 -11.00
CA LEU B 372 4.86 -23.92 -10.30
C LEU B 372 3.85 -25.05 -10.41
N THR B 373 3.06 -25.10 -11.51
CA THR B 373 2.18 -26.23 -11.73
C THR B 373 2.86 -27.32 -12.61
N GLY B 374 4.02 -27.04 -13.22
CA GLY B 374 4.64 -27.99 -14.13
C GLY B 374 4.19 -27.86 -15.58
N ASP B 375 3.10 -27.17 -15.84
CA ASP B 375 2.61 -26.93 -17.18
C ASP B 375 2.29 -25.43 -17.35
N LEU B 376 1.88 -25.11 -18.54
CA LEU B 376 1.76 -23.72 -18.91
C LEU B 376 0.46 -23.12 -18.43
N GLN B 377 0.56 -21.96 -17.80
CA GLN B 377 -0.56 -21.19 -17.25
C GLN B 377 -0.76 -19.93 -18.07
N VAL B 378 -2.02 -19.64 -18.41
CA VAL B 378 -2.38 -18.55 -19.31
C VAL B 378 -3.56 -17.80 -18.73
N ALA B 379 -3.40 -16.48 -18.59
CA ALA B 379 -4.46 -15.60 -18.10
C ALA B 379 -4.98 -14.80 -19.28
N THR B 380 -6.24 -14.33 -19.19
CA THR B 380 -6.85 -13.60 -20.30
C THR B 380 -7.41 -12.27 -19.83
N SER B 381 -7.15 -11.20 -20.57
CA SER B 381 -7.75 -9.91 -20.31
C SER B 381 -8.58 -9.43 -21.50
N LYS B 382 -9.76 -8.90 -21.19
CA LYS B 382 -10.67 -8.38 -22.21
C LYS B 382 -10.61 -6.87 -22.36
N ASP B 383 -9.83 -6.20 -21.50
CA ASP B 383 -9.84 -4.74 -21.43
C ASP B 383 -8.45 -4.18 -21.56
N GLY B 384 -7.65 -4.84 -22.40
CA GLY B 384 -6.36 -4.33 -22.74
C GLY B 384 -5.30 -4.51 -21.66
N GLY B 385 -5.44 -5.53 -20.81
CA GLY B 385 -4.43 -5.87 -19.83
C GLY B 385 -4.70 -5.33 -18.45
N VAL B 386 -5.78 -4.61 -18.25
CA VAL B 386 -5.97 -3.98 -16.94
C VAL B 386 -6.50 -4.98 -15.90
N THR B 387 -7.50 -5.77 -16.27
CA THR B 387 -8.09 -6.80 -15.41
C THR B 387 -8.02 -8.13 -16.15
N TRP B 388 -8.10 -9.21 -15.37
CA TRP B 388 -7.93 -10.58 -15.84
C TRP B 388 -9.18 -11.35 -15.46
N GLU B 389 -9.55 -12.26 -16.37
CA GLU B 389 -10.72 -13.10 -16.18
C GLU B 389 -10.52 -14.10 -15.07
N LYS B 390 -11.65 -14.64 -14.60
CA LYS B 390 -11.69 -15.48 -13.40
C LYS B 390 -10.65 -16.60 -13.38
N ASP B 391 -10.61 -17.38 -14.44
CA ASP B 391 -10.01 -18.70 -14.33
C ASP B 391 -8.75 -18.73 -15.18
N ILE B 392 -7.69 -19.22 -14.62
CA ILE B 392 -6.41 -19.37 -15.33
C ILE B 392 -6.41 -20.70 -16.05
N LYS B 393 -6.14 -20.68 -17.34
CA LYS B 393 -6.13 -21.89 -18.14
C LYS B 393 -4.76 -22.54 -18.06
N ARG B 394 -4.76 -23.85 -17.82
CA ARG B 394 -3.56 -24.67 -17.83
C ARG B 394 -3.56 -25.58 -19.05
N TYR B 395 -2.42 -25.68 -19.71
CA TYR B 395 -2.24 -26.56 -20.85
C TYR B 395 -1.20 -27.63 -20.53
N PRO B 396 -1.60 -28.88 -20.22
CA PRO B 396 -0.61 -29.92 -19.91
C PRO B 396 0.27 -30.30 -21.12
N GLN B 397 -0.09 -29.84 -22.32
CA GLN B 397 0.68 -30.12 -23.51
C GLN B 397 1.99 -29.35 -23.57
N VAL B 398 2.14 -28.30 -22.78
CA VAL B 398 3.38 -27.54 -22.74
C VAL B 398 3.88 -27.61 -21.32
N LYS B 399 5.07 -28.16 -21.13
CA LYS B 399 5.61 -28.16 -19.79
C LYS B 399 6.19 -26.79 -19.45
N ASP B 400 6.17 -26.50 -18.13
CA ASP B 400 6.85 -25.35 -17.53
C ASP B 400 7.64 -25.84 -16.34
N VAL B 401 8.97 -25.82 -16.43
CA VAL B 401 9.83 -26.25 -15.34
C VAL B 401 10.26 -25.10 -14.43
N TYR B 402 9.51 -23.98 -14.44
CA TYR B 402 9.76 -22.84 -13.55
C TYR B 402 10.93 -22.02 -14.07
N VAL B 403 10.71 -21.41 -15.23
CA VAL B 403 11.74 -20.67 -15.92
C VAL B 403 11.04 -19.71 -16.87
N GLN B 404 11.69 -18.60 -17.15
CA GLN B 404 11.13 -17.64 -18.08
C GLN B 404 10.79 -18.28 -19.44
N MET B 405 9.81 -17.64 -20.17
CA MET B 405 9.42 -18.07 -21.50
C MET B 405 9.17 -16.84 -22.36
N SER B 406 9.01 -17.05 -23.67
CA SER B 406 8.61 -15.95 -24.55
C SER B 406 7.59 -16.50 -25.54
N ALA B 407 6.71 -15.63 -26.01
CA ALA B 407 5.67 -16.01 -26.95
C ALA B 407 5.34 -14.82 -27.84
N ILE B 408 5.08 -15.09 -29.12
CA ILE B 408 4.67 -14.04 -30.03
C ILE B 408 3.46 -14.45 -30.87
N HIS B 409 2.72 -13.44 -31.30
CA HIS B 409 1.65 -13.58 -32.26
C HIS B 409 2.26 -13.72 -33.65
N THR B 410 1.58 -14.48 -34.49
CA THR B 410 2.01 -14.60 -35.88
C THR B 410 0.84 -15.09 -36.74
N MET B 411 0.85 -14.64 -37.98
CA MET B 411 -0.10 -15.02 -39.03
C MET B 411 0.61 -15.86 -40.07
N HIS B 412 -0.06 -16.92 -40.53
CA HIS B 412 0.45 -17.68 -41.66
C HIS B 412 -0.68 -18.05 -42.61
N GLU B 413 -0.52 -17.64 -43.87
CA GLU B 413 -1.48 -17.95 -44.94
C GLU B 413 -2.91 -17.78 -44.42
N GLY B 414 -3.16 -16.62 -43.83
CA GLY B 414 -4.46 -16.21 -43.30
C GLY B 414 -4.93 -16.85 -42.01
N LYS B 415 -4.12 -17.67 -41.35
CA LYS B 415 -4.53 -18.27 -40.08
C LYS B 415 -3.64 -17.76 -38.95
N GLU B 416 -4.21 -17.68 -37.75
CA GLU B 416 -3.64 -17.04 -36.58
C GLU B 416 -3.03 -18.06 -35.62
N TYR B 417 -1.82 -17.78 -35.17
CA TYR B 417 -1.06 -18.72 -34.36
C TYR B 417 -0.39 -17.99 -33.21
N ILE B 418 0.12 -18.76 -32.26
CA ILE B 418 1.07 -18.24 -31.30
C ILE B 418 2.25 -19.20 -31.27
N ILE B 419 3.43 -18.64 -31.27
CA ILE B 419 4.66 -19.41 -31.08
C ILE B 419 5.18 -19.11 -29.69
N LEU B 420 5.51 -20.15 -28.93
CA LEU B 420 6.00 -20.02 -27.57
C LEU B 420 7.24 -20.89 -27.41
N SER B 421 8.31 -20.31 -26.85
CA SER B 421 9.55 -21.08 -26.66
C SER B 421 9.88 -21.15 -25.18
N ASN B 422 10.27 -22.33 -24.71
CA ASN B 422 10.79 -22.47 -23.35
C ASN B 422 11.51 -23.81 -23.27
N ALA B 423 12.10 -24.07 -22.10
CA ALA B 423 12.73 -25.34 -21.86
C ALA B 423 11.71 -26.46 -21.87
N GLY B 424 12.11 -27.59 -22.44
CA GLY B 424 11.30 -28.79 -22.53
C GLY B 424 11.39 -29.68 -21.29
N GLY B 425 12.48 -29.59 -20.55
CA GLY B 425 12.61 -30.38 -19.33
C GLY B 425 13.49 -31.60 -19.46
N PRO B 426 13.63 -32.37 -18.37
CA PRO B 426 13.04 -32.18 -17.04
C PRO B 426 13.62 -30.96 -16.29
N LYS B 427 14.84 -30.57 -16.62
CA LYS B 427 15.43 -29.36 -16.04
C LYS B 427 15.39 -28.22 -17.07
N ARG B 428 16.26 -27.23 -16.88
CA ARG B 428 16.38 -26.12 -17.81
C ARG B 428 17.28 -26.61 -18.94
N GLU B 429 16.69 -27.40 -19.82
CA GLU B 429 17.42 -28.11 -20.85
C GLU B 429 16.42 -28.43 -21.95
N ASN B 430 16.95 -28.64 -23.15
CA ASN B 430 16.14 -29.04 -24.28
C ASN B 430 15.13 -27.96 -24.70
N GLY B 431 15.65 -26.85 -25.23
CA GLY B 431 14.81 -25.77 -25.76
C GLY B 431 13.80 -26.26 -26.77
N MET B 432 12.56 -25.84 -26.59
CA MET B 432 11.47 -26.20 -27.47
C MET B 432 10.86 -24.95 -28.08
N VAL B 433 10.27 -25.09 -29.25
CA VAL B 433 9.37 -24.10 -29.81
C VAL B 433 8.01 -24.78 -29.96
N HIS B 434 6.98 -24.19 -29.37
CA HIS B 434 5.63 -24.72 -29.41
C HIS B 434 4.77 -23.83 -30.32
N LEU B 435 4.03 -24.45 -31.22
CA LEU B 435 3.12 -23.74 -32.13
C LEU B 435 1.70 -24.05 -31.71
N ALA B 436 0.92 -23.00 -31.55
CA ALA B 436 -0.49 -23.13 -31.25
C ALA B 436 -1.31 -22.37 -32.29
N ARG B 437 -2.43 -22.96 -32.66
CA ARG B 437 -3.44 -22.30 -33.46
C ARG B 437 -4.37 -21.56 -32.53
N VAL B 438 -4.70 -20.32 -32.88
CA VAL B 438 -5.68 -19.54 -32.14
C VAL B 438 -7.05 -19.80 -32.79
N GLU B 439 -7.92 -20.47 -32.04
CA GLU B 439 -9.23 -20.84 -32.52
C GLU B 439 -10.13 -19.63 -32.58
N GLU B 440 -11.39 -19.91 -32.92
CA GLU B 440 -12.39 -18.86 -33.12
C GLU B 440 -12.56 -18.01 -31.87
N ASN B 441 -12.72 -18.68 -30.73
CA ASN B 441 -13.06 -18.01 -29.49
C ASN B 441 -11.87 -17.55 -28.67
N GLY B 442 -10.67 -17.64 -29.20
CA GLY B 442 -9.54 -17.28 -28.39
C GLY B 442 -8.99 -18.43 -27.60
N GLU B 443 -9.54 -19.63 -27.78
CA GLU B 443 -8.91 -20.83 -27.26
C GLU B 443 -7.66 -21.17 -28.08
N LEU B 444 -6.78 -21.92 -27.45
CA LEU B 444 -5.50 -22.28 -28.05
C LEU B 444 -5.43 -23.78 -28.28
N THR B 445 -4.95 -24.17 -29.43
CA THR B 445 -4.78 -25.58 -29.73
C THR B 445 -3.32 -25.80 -30.06
N TRP B 446 -2.65 -26.62 -29.26
CA TRP B 446 -1.21 -26.84 -29.37
C TRP B 446 -1.00 -27.88 -30.46
N LEU B 447 -0.35 -27.48 -31.56
CA LEU B 447 -0.17 -28.29 -32.76
C LEU B 447 1.19 -28.98 -32.81
N LYS B 448 2.26 -28.26 -32.52
CA LYS B 448 3.56 -28.85 -32.62
C LYS B 448 4.54 -28.35 -31.55
N HIS B 449 5.50 -29.23 -31.27
CA HIS B 449 6.51 -29.07 -30.24
C HIS B 449 7.79 -29.59 -30.88
N ASN B 450 8.74 -28.70 -31.17
CA ASN B 450 9.97 -29.03 -31.87
C ASN B 450 11.22 -28.57 -31.11
N PRO B 451 12.20 -29.44 -30.94
CA PRO B 451 13.44 -29.00 -30.29
C PRO B 451 14.18 -27.96 -31.12
N ILE B 452 14.84 -27.03 -30.42
CA ILE B 452 15.58 -25.97 -31.08
C ILE B 452 16.99 -25.87 -30.48
N GLN B 453 17.20 -26.50 -29.32
CA GLN B 453 18.52 -26.49 -28.73
C GLN B 453 18.61 -27.57 -27.66
N LYS B 454 19.44 -28.59 -27.89
N LYS B 454 19.44 -28.59 -27.91
CA LYS B 454 19.69 -29.60 -26.89
CA LYS B 454 19.76 -29.61 -26.93
C LYS B 454 20.67 -29.08 -25.83
C LYS B 454 20.64 -29.05 -25.81
N GLY B 455 20.74 -29.79 -24.70
CA GLY B 455 21.50 -29.34 -23.55
C GLY B 455 20.85 -28.19 -22.78
N GLU B 456 21.67 -27.41 -22.09
CA GLU B 456 21.14 -26.37 -21.21
C GLU B 456 20.35 -25.33 -22.01
N PHE B 457 19.22 -24.91 -21.43
CA PHE B 457 18.35 -23.94 -22.11
C PHE B 457 17.53 -23.24 -21.05
N ALA B 458 17.61 -21.92 -21.00
CA ALA B 458 16.80 -21.22 -20.03
C ALA B 458 16.10 -20.03 -20.67
N TYR B 459 16.44 -18.80 -20.29
CA TYR B 459 15.59 -17.69 -20.76
C TYR B 459 15.72 -17.50 -22.27
N ASN B 460 14.68 -16.90 -22.88
CA ASN B 460 14.72 -16.73 -24.33
C ASN B 460 13.76 -15.64 -24.80
N SER B 461 13.95 -15.22 -26.05
CA SER B 461 13.15 -14.13 -26.59
C SER B 461 13.00 -14.31 -28.08
N LEU B 462 11.74 -14.40 -28.53
CA LEU B 462 11.34 -14.61 -29.91
C LEU B 462 10.93 -13.32 -30.63
N GLN B 463 11.20 -13.31 -31.94
CA GLN B 463 10.72 -12.27 -32.80
C GLN B 463 10.41 -12.83 -34.19
N GLU B 464 9.35 -12.32 -34.81
CA GLU B 464 9.09 -12.55 -36.24
C GLU B 464 10.01 -11.67 -37.06
N LEU B 465 10.63 -12.28 -38.05
CA LEU B 465 11.57 -11.56 -38.89
C LEU B 465 10.94 -11.13 -40.22
N GLY B 466 9.80 -11.65 -40.56
CA GLY B 466 9.18 -11.33 -41.82
C GLY B 466 9.53 -12.36 -42.89
N ASN B 467 8.61 -12.52 -43.84
CA ASN B 467 8.76 -13.47 -44.94
C ASN B 467 8.78 -14.88 -44.40
N GLY B 468 7.94 -15.10 -43.38
CA GLY B 468 7.70 -16.41 -42.83
C GLY B 468 8.82 -16.91 -41.96
N GLU B 469 9.73 -16.05 -41.55
CA GLU B 469 10.87 -16.49 -40.75
C GLU B 469 10.80 -15.89 -39.35
N TYR B 470 11.54 -16.53 -38.44
CA TYR B 470 11.55 -16.23 -37.01
C TYR B 470 12.96 -16.29 -36.45
N GLY B 471 13.20 -15.45 -35.44
CA GLY B 471 14.46 -15.42 -34.76
C GLY B 471 14.23 -15.64 -33.29
N ILE B 472 15.28 -16.13 -32.61
CA ILE B 472 15.20 -16.44 -31.19
C ILE B 472 16.57 -16.16 -30.56
N LEU B 473 16.56 -15.46 -29.44
CA LEU B 473 17.76 -15.21 -28.65
C LEU B 473 17.64 -15.93 -27.31
N TYR B 474 18.63 -16.78 -26.95
CA TYR B 474 18.37 -17.66 -25.81
C TYR B 474 19.62 -18.00 -25.01
N GLU B 475 19.39 -18.47 -23.76
CA GLU B 475 20.44 -18.88 -22.83
C GLU B 475 20.80 -20.36 -22.99
N HIS B 476 22.09 -20.63 -23.05
CA HIS B 476 22.65 -21.96 -23.25
C HIS B 476 24.12 -21.95 -22.89
N THR B 477 24.60 -23.12 -22.45
CA THR B 477 26.02 -23.35 -22.24
C THR B 477 26.43 -24.66 -22.90
N GLU B 478 27.71 -24.72 -23.22
CA GLU B 478 28.38 -25.93 -23.67
C GLU B 478 29.87 -25.65 -23.51
N LYS B 479 30.69 -26.70 -23.66
CA LYS B 479 32.15 -26.55 -23.67
C LYS B 479 32.64 -25.74 -22.46
N GLY B 480 32.05 -26.02 -21.32
CA GLY B 480 32.42 -25.38 -20.07
C GLY B 480 32.17 -23.89 -19.98
N GLN B 481 31.27 -23.34 -20.81
CA GLN B 481 30.90 -21.92 -20.73
C GLN B 481 30.19 -21.63 -19.41
N ASN B 482 30.46 -20.47 -18.84
CA ASN B 482 29.71 -20.01 -17.68
C ASN B 482 28.25 -19.68 -18.03
N ALA B 483 27.35 -19.90 -17.07
CA ALA B 483 25.94 -19.50 -17.21
C ALA B 483 25.89 -18.00 -17.57
N TYR B 484 25.08 -17.71 -18.57
CA TYR B 484 25.10 -18.26 -19.89
C TYR B 484 25.81 -17.47 -20.97
N THR B 485 25.93 -18.14 -22.10
CA THR B 485 26.16 -17.53 -23.40
C THR B 485 24.82 -17.34 -24.08
N LEU B 486 24.63 -16.18 -24.71
CA LEU B 486 23.36 -15.87 -25.36
C LEU B 486 23.54 -16.01 -26.86
N SER B 487 22.76 -16.90 -27.47
CA SER B 487 22.90 -17.26 -28.87
C SER B 487 21.60 -17.00 -29.60
N PHE B 488 21.73 -16.94 -30.91
CA PHE B 488 20.69 -16.55 -31.84
C PHE B 488 20.60 -17.61 -32.93
N ARG B 489 19.38 -18.05 -33.20
CA ARG B 489 19.09 -18.83 -34.39
C ARG B 489 17.89 -18.23 -35.11
N LYS B 490 17.77 -18.58 -36.40
CA LYS B 490 16.66 -18.23 -37.25
C LYS B 490 16.08 -19.53 -37.77
N PHE B 491 14.76 -19.59 -37.85
CA PHE B 491 14.05 -20.77 -38.32
C PHE B 491 12.86 -20.30 -39.16
N ASN B 492 12.27 -21.24 -39.85
CA ASN B 492 11.20 -20.96 -40.79
C ASN B 492 9.95 -21.79 -40.46
N TRP B 493 8.89 -21.49 -41.19
CA TRP B 493 7.62 -22.12 -40.86
C TRP B 493 7.71 -23.65 -40.94
N ASP B 494 8.49 -24.19 -41.89
CA ASP B 494 8.55 -25.64 -41.97
C ASP B 494 9.18 -26.21 -40.72
N PHE B 495 10.18 -25.52 -40.17
CA PHE B 495 10.77 -25.96 -38.91
C PHE B 495 9.73 -26.01 -37.79
N LEU B 496 8.82 -25.02 -37.79
CA LEU B 496 7.77 -24.89 -36.78
C LEU B 496 6.66 -25.91 -36.93
N SER B 497 6.16 -26.07 -38.14
CA SER B 497 4.91 -26.80 -38.37
C SER B 497 5.11 -28.27 -38.65
N LYS B 498 6.29 -28.65 -39.08
CA LYS B 498 6.66 -30.04 -39.36
C LYS B 498 5.76 -31.19 -38.94
#